data_1HLG
#
_entry.id   1HLG
#
_cell.length_a   244.330
_cell.length_b   244.330
_cell.length_c   244.330
_cell.angle_alpha   90.00
_cell.angle_beta   90.00
_cell.angle_gamma   90.00
#
_symmetry.space_group_name_H-M   'I 21 3'
#
loop_
_entity.id
_entity.type
_entity.pdbx_description
1 polymer 'LIPASE, GASTRIC'
2 branched 2-acetamido-2-deoxy-beta-D-glucopyranose-(1-4)-2-acetamido-2-deoxy-beta-D-glucopyranose
3 non-polymer 2-acetamido-2-deoxy-beta-D-glucopyranose
4 water water
#
_entity_poly.entity_id   1
_entity_poly.type   'polypeptide(L)'
_entity_poly.pdbx_seq_one_letter_code
;SPEVTMNISQMITYWGYPNEEYEVVTEDGYILEVNRIPYGKKNSGNTGQRPVVFLQHGLLASATNWISNLPNNSLAFILA
DAGYDVWLGNSRGNTWARRNLYYSPDSVEFWAFSFDEMAKYDLPATIDFIVKKTGQKQLHYVGHSQGTTIGFIAFSTNPS
LAKRIKTFYALAPVATVKYTKSLINKLRFVPQSLFKFIFGDKIFYPHNFFDQFLATEVCSREMLNLLCSNALFIICGFDS
KNFNTSRLDVYLSHNPAGTSVQNMFHWTQAVKSGKFQAYDWGSPVQNRMHYDQSQPPYYNVTAMNVPIAVWNGGKDLLAD
PQDVGLLLPKLPNLIYHKEIPFYNHLDFIWAMDAPQEVYNDIVSMISEDKK
;
_entity_poly.pdbx_strand_id   A,B
#
# COMPACT_ATOMS: atom_id res chain seq x y z
N SER A 1 26.14 25.82 -0.36
CA SER A 1 26.91 24.62 0.12
C SER A 1 28.03 24.23 -0.81
N PRO A 2 29.03 23.55 -0.26
CA PRO A 2 30.19 23.11 -1.04
C PRO A 2 29.92 22.07 -2.10
N GLU A 3 28.81 21.36 -1.95
CA GLU A 3 28.54 20.31 -2.90
C GLU A 3 27.97 20.80 -4.23
N VAL A 4 27.54 22.05 -4.26
CA VAL A 4 26.95 22.64 -5.44
C VAL A 4 27.88 22.53 -6.62
N THR A 5 29.18 22.62 -6.36
CA THR A 5 30.17 22.57 -7.42
C THR A 5 30.94 21.25 -7.49
N MET A 6 30.55 20.25 -6.70
CA MET A 6 31.24 18.95 -6.66
C MET A 6 30.68 17.94 -7.65
N ASN A 7 31.53 17.08 -8.20
CA ASN A 7 31.03 16.07 -9.12
C ASN A 7 30.55 14.90 -8.29
N ILE A 8 30.01 13.87 -8.93
CA ILE A 8 29.48 12.74 -8.19
C ILE A 8 30.49 12.14 -7.21
N SER A 9 31.71 11.93 -7.67
CA SER A 9 32.77 11.38 -6.84
C SER A 9 33.04 12.24 -5.62
N GLN A 10 33.31 13.51 -5.84
CA GLN A 10 33.60 14.43 -4.74
C GLN A 10 32.51 14.48 -3.71
N MET A 11 31.26 14.43 -4.18
CA MET A 11 30.10 14.47 -3.30
C MET A 11 30.10 13.25 -2.41
N ILE A 12 30.43 12.10 -2.98
CA ILE A 12 30.47 10.87 -2.20
C ILE A 12 31.59 10.89 -1.15
N THR A 13 32.81 11.19 -1.57
CA THR A 13 33.96 11.21 -0.67
C THR A 13 33.86 12.32 0.35
N TYR A 14 33.09 13.34 0.02
CA TYR A 14 32.88 14.45 0.91
C TYR A 14 32.33 13.98 2.23
N TRP A 15 31.48 12.97 2.19
CA TRP A 15 30.87 12.46 3.42
C TRP A 15 31.66 11.29 4.04
N GLY A 16 32.88 11.07 3.56
CA GLY A 16 33.71 10.00 4.08
C GLY A 16 33.39 8.60 3.60
N TYR A 17 32.78 8.49 2.43
CA TYR A 17 32.47 7.17 1.89
C TYR A 17 33.46 6.82 0.82
N PRO A 18 33.61 5.53 0.55
CA PRO A 18 34.56 5.13 -0.47
C PRO A 18 33.91 5.34 -1.82
N ASN A 19 34.71 5.58 -2.85
CA ASN A 19 34.17 5.79 -4.17
C ASN A 19 34.99 5.08 -5.22
N GLU A 20 34.35 4.54 -6.24
CA GLU A 20 35.06 3.90 -7.32
C GLU A 20 34.36 4.22 -8.64
N GLU A 21 35.13 4.47 -9.69
CA GLU A 21 34.57 4.79 -11.01
C GLU A 21 34.95 3.68 -11.96
N TYR A 22 34.00 3.23 -12.76
CA TYR A 22 34.28 2.19 -13.71
C TYR A 22 33.75 2.60 -15.06
N GLU A 23 34.36 2.09 -16.12
CA GLU A 23 33.96 2.42 -17.46
C GLU A 23 33.24 1.26 -18.07
N VAL A 24 31.99 1.47 -18.46
CA VAL A 24 31.22 0.44 -19.12
C VAL A 24 31.04 0.85 -20.57
N VAL A 25 31.14 -0.12 -21.47
CA VAL A 25 30.96 0.15 -22.89
C VAL A 25 29.81 -0.67 -23.46
N THR A 26 28.76 0.02 -23.88
CA THR A 26 27.59 -0.66 -24.41
C THR A 26 27.89 -1.31 -25.75
N GLU A 27 27.05 -2.26 -26.11
CA GLU A 27 27.21 -2.99 -27.35
C GLU A 27 27.26 -2.06 -28.53
N ASP A 28 26.47 -1.00 -28.49
CA ASP A 28 26.43 -0.05 -29.59
C ASP A 28 27.42 1.11 -29.52
N GLY A 29 28.42 0.97 -28.65
CA GLY A 29 29.50 1.95 -28.53
C GLY A 29 29.59 3.05 -27.49
N TYR A 30 28.53 3.24 -26.71
CA TYR A 30 28.55 4.26 -25.70
C TYR A 30 29.45 3.91 -24.52
N ILE A 31 30.13 4.91 -23.99
CA ILE A 31 31.03 4.73 -22.85
C ILE A 31 30.44 5.40 -21.63
N LEU A 32 30.05 4.58 -20.66
CA LEU A 32 29.42 5.08 -19.44
C LEU A 32 30.33 4.99 -18.20
N GLU A 33 30.47 6.09 -17.47
CA GLU A 33 31.24 6.07 -16.23
C GLU A 33 30.28 5.85 -15.11
N VAL A 34 30.35 4.68 -14.50
CA VAL A 34 29.50 4.28 -13.39
C VAL A 34 30.22 4.41 -12.07
N ASN A 35 29.53 4.92 -11.05
CA ASN A 35 30.12 5.07 -9.73
C ASN A 35 29.71 3.97 -8.74
N ARG A 36 30.64 3.56 -7.89
CA ARG A 36 30.37 2.52 -6.92
C ARG A 36 30.75 2.95 -5.51
N ILE A 37 29.90 2.63 -4.54
CA ILE A 37 30.18 2.92 -3.13
C ILE A 37 30.24 1.51 -2.53
N PRO A 38 31.46 0.92 -2.46
CA PRO A 38 31.74 -0.42 -1.95
C PRO A 38 31.39 -0.72 -0.49
N TYR A 39 31.27 0.31 0.36
CA TYR A 39 30.90 0.08 1.76
C TYR A 39 30.57 1.35 2.49
N GLY A 40 30.04 1.22 3.72
CA GLY A 40 29.65 2.37 4.55
C GLY A 40 30.80 3.22 5.02
N LYS A 41 30.56 4.41 5.59
CA LYS A 41 31.70 5.26 5.99
C LYS A 41 32.28 4.88 7.33
N LYS A 42 31.79 3.79 7.86
CA LYS A 42 32.25 3.29 9.14
C LYS A 42 31.26 2.19 9.37
N ASN A 43 29.98 2.54 9.15
CA ASN A 43 28.86 1.54 9.34
C ASN A 43 28.98 0.31 8.29
N SER A 44 29.25 -0.93 8.82
CA SER A 44 29.56 -2.01 7.77
C SER A 44 30.80 -1.42 6.92
N GLY A 45 31.91 -1.07 7.62
CA GLY A 45 33.11 -0.62 6.89
C GLY A 45 33.92 -1.83 6.36
N GLN A 49 31.94 -10.21 -2.14
CA GLN A 49 31.52 -10.54 -0.76
C GLN A 49 30.13 -9.95 -0.36
N ARG A 50 29.96 -8.61 -0.38
CA ARG A 50 28.69 -7.96 0.02
C ARG A 50 27.68 -7.95 -1.12
N PRO A 51 26.38 -8.08 -0.80
CA PRO A 51 25.33 -8.09 -1.81
C PRO A 51 25.22 -6.75 -2.58
N VAL A 52 25.01 -6.88 -3.88
CA VAL A 52 24.91 -5.76 -4.80
C VAL A 52 23.51 -5.15 -4.97
N VAL A 53 23.43 -3.83 -4.85
CA VAL A 53 22.20 -3.08 -5.04
C VAL A 53 22.49 -1.98 -6.07
N PHE A 54 21.77 -2.03 -7.20
CA PHE A 54 21.90 -1.07 -8.31
C PHE A 54 20.80 0.00 -8.25
N LEU A 55 21.17 1.28 -8.35
CA LEU A 55 20.19 2.35 -8.30
C LEU A 55 20.07 3.12 -9.65
N GLN A 56 18.86 3.18 -10.21
CA GLN A 56 18.61 3.89 -11.49
C GLN A 56 17.81 5.16 -11.29
N HIS A 57 18.37 6.31 -11.65
CA HIS A 57 17.62 7.56 -11.51
C HIS A 57 16.49 7.64 -12.56
N GLY A 58 15.70 8.70 -12.46
CA GLY A 58 14.58 8.82 -13.37
C GLY A 58 14.69 9.87 -14.44
N LEU A 59 13.56 10.14 -15.09
CA LEU A 59 13.45 11.14 -16.14
C LEU A 59 14.04 12.48 -15.75
N LEU A 60 14.82 13.05 -16.67
CA LEU A 60 15.49 14.34 -16.48
C LEU A 60 16.27 14.46 -15.17
N ALA A 61 16.69 13.32 -14.61
CA ALA A 61 17.43 13.33 -13.36
C ALA A 61 18.94 13.04 -13.48
N SER A 62 19.52 12.60 -12.37
CA SER A 62 20.95 12.35 -12.30
C SER A 62 21.28 11.21 -11.36
N ALA A 63 22.39 10.54 -11.62
CA ALA A 63 22.76 9.46 -10.73
C ALA A 63 23.10 10.04 -9.37
N THR A 64 23.31 11.34 -9.30
CA THR A 64 23.63 11.95 -8.02
C THR A 64 22.42 12.01 -7.09
N ASN A 65 21.24 11.67 -7.61
CA ASN A 65 20.02 11.77 -6.80
C ASN A 65 20.09 10.97 -5.53
N TRP A 66 20.67 9.77 -5.68
CA TRP A 66 20.83 8.84 -4.57
C TRP A 66 21.92 9.21 -3.58
N ILE A 67 22.56 10.34 -3.82
CA ILE A 67 23.67 10.78 -3.01
C ILE A 67 23.58 12.25 -2.62
N SER A 68 22.54 12.93 -3.08
CA SER A 68 22.43 14.37 -2.90
C SER A 68 22.09 15.00 -1.56
N ASN A 69 21.83 14.19 -0.54
CA ASN A 69 21.53 14.79 0.76
C ASN A 69 22.52 14.44 1.87
N LEU A 70 22.01 14.21 3.08
CA LEU A 70 22.86 13.84 4.23
C LEU A 70 23.02 12.33 4.20
N PRO A 71 24.08 11.81 4.82
CA PRO A 71 24.24 10.36 4.79
C PRO A 71 23.11 9.59 5.51
N ASN A 72 22.37 10.31 6.35
CA ASN A 72 21.28 9.67 7.08
C ASN A 72 19.94 9.68 6.36
N ASN A 73 19.88 10.24 5.14
CA ASN A 73 18.64 10.31 4.37
C ASN A 73 18.80 10.20 2.86
N SER A 74 19.88 9.57 2.43
CA SER A 74 20.14 9.41 1.02
C SER A 74 20.25 7.91 0.80
N LEU A 75 19.29 7.34 0.07
CA LEU A 75 19.29 5.90 -0.12
C LEU A 75 20.68 5.22 -0.23
N ALA A 76 21.48 5.65 -1.20
CA ALA A 76 22.78 5.04 -1.42
C ALA A 76 23.66 5.01 -0.19
N PHE A 77 23.73 6.12 0.54
CA PHE A 77 24.55 6.15 1.75
C PHE A 77 24.00 5.17 2.79
N ILE A 78 22.69 5.24 3.05
CA ILE A 78 22.14 4.36 4.05
C ILE A 78 22.34 2.91 3.64
N LEU A 79 22.14 2.61 2.36
CA LEU A 79 22.34 1.25 1.85
C LEU A 79 23.77 0.75 2.08
N ALA A 80 24.75 1.63 1.91
CA ALA A 80 26.14 1.26 2.11
C ALA A 80 26.40 0.99 3.60
N ASP A 81 25.87 1.85 4.46
CA ASP A 81 26.04 1.67 5.91
C ASP A 81 25.34 0.41 6.44
N ALA A 82 24.32 -0.03 5.70
CA ALA A 82 23.53 -1.24 5.98
C ALA A 82 24.29 -2.52 5.53
N GLY A 83 25.47 -2.35 4.95
CA GLY A 83 26.27 -3.48 4.53
C GLY A 83 26.23 -3.89 3.08
N TYR A 84 25.73 -3.02 2.20
CA TYR A 84 25.67 -3.45 0.80
C TYR A 84 26.69 -2.76 -0.05
N ASP A 85 26.83 -3.28 -1.27
CA ASP A 85 27.73 -2.75 -2.29
C ASP A 85 26.82 -1.99 -3.27
N VAL A 86 26.85 -0.66 -3.16
CA VAL A 86 26.02 0.22 -3.97
C VAL A 86 26.59 0.71 -5.29
N TRP A 87 25.86 0.43 -6.38
CA TRP A 87 26.26 0.87 -7.72
C TRP A 87 25.21 1.86 -8.26
N LEU A 88 25.68 3.03 -8.71
CA LEU A 88 24.82 4.07 -9.26
C LEU A 88 24.88 4.09 -10.80
N GLY A 89 23.81 3.61 -11.44
CA GLY A 89 23.77 3.55 -12.90
C GLY A 89 23.82 4.94 -13.53
N ASN A 90 24.46 5.00 -14.70
CA ASN A 90 24.58 6.24 -15.44
C ASN A 90 24.07 5.95 -16.82
N SER A 91 23.23 6.82 -17.36
CA SER A 91 22.67 6.54 -18.68
C SER A 91 23.35 7.31 -19.84
N ARG A 92 23.21 6.81 -21.06
CA ARG A 92 23.79 7.53 -22.18
C ARG A 92 23.28 8.99 -22.28
N GLY A 93 24.22 9.92 -22.38
CA GLY A 93 23.84 11.30 -22.53
C GLY A 93 24.06 12.13 -21.31
N ASN A 94 23.85 11.56 -20.14
CA ASN A 94 24.04 12.39 -19.00
C ASN A 94 25.54 12.46 -18.62
N THR A 95 25.85 13.38 -17.71
CA THR A 95 27.21 13.64 -17.26
C THR A 95 28.08 12.41 -17.03
N TRP A 96 29.25 12.41 -17.67
CA TRP A 96 30.22 11.33 -17.59
C TRP A 96 29.77 10.10 -18.35
N ALA A 97 28.81 10.32 -19.25
CA ALA A 97 28.32 9.26 -20.13
C ALA A 97 28.09 9.91 -21.51
N ARG A 98 28.93 10.88 -21.85
CA ARG A 98 28.75 11.53 -23.12
C ARG A 98 29.86 11.24 -24.06
N ARG A 99 30.15 9.95 -24.29
CA ARG A 99 31.22 9.55 -25.22
C ARG A 99 30.82 8.27 -25.93
N ASN A 100 31.32 8.10 -27.13
CA ASN A 100 31.01 6.90 -27.89
C ASN A 100 32.16 6.61 -28.85
N LEU A 101 32.46 5.32 -29.03
CA LEU A 101 33.52 4.87 -29.94
C LEU A 101 33.40 5.35 -31.39
N TYR A 102 32.18 5.62 -31.85
CA TYR A 102 32.01 6.03 -33.26
C TYR A 102 31.51 7.43 -33.64
N TYR A 103 31.09 8.23 -32.66
CA TYR A 103 30.60 9.57 -32.96
C TYR A 103 30.76 10.46 -31.75
N SER A 104 30.79 11.76 -31.98
CA SER A 104 31.01 12.75 -30.92
C SER A 104 29.74 13.22 -30.28
N PRO A 105 29.82 13.76 -29.03
CA PRO A 105 28.64 14.27 -28.33
C PRO A 105 28.08 15.46 -29.12
N ASP A 106 28.90 16.03 -29.99
CA ASP A 106 28.48 17.19 -30.73
C ASP A 106 27.76 16.82 -31.99
N SER A 107 27.60 15.53 -32.21
CA SER A 107 26.87 15.09 -33.40
C SER A 107 25.41 14.74 -33.10
N VAL A 108 24.60 14.66 -34.14
CA VAL A 108 23.19 14.35 -33.98
C VAL A 108 23.01 12.89 -33.61
N GLU A 109 23.83 12.05 -34.25
CA GLU A 109 23.74 10.63 -34.05
C GLU A 109 23.93 10.22 -32.60
N PHE A 110 24.79 10.94 -31.90
CA PHE A 110 25.03 10.64 -30.50
C PHE A 110 23.75 10.65 -29.68
N TRP A 111 22.93 11.68 -29.88
CA TRP A 111 21.69 11.83 -29.13
C TRP A 111 20.47 11.15 -29.72
N ALA A 112 20.65 10.39 -30.79
CA ALA A 112 19.53 9.72 -31.37
C ALA A 112 19.11 8.50 -30.52
N PHE A 113 18.71 8.72 -29.27
CA PHE A 113 18.27 7.64 -28.36
C PHE A 113 17.18 8.06 -27.39
N SER A 114 16.53 7.05 -26.81
CA SER A 114 15.44 7.19 -25.81
C SER A 114 15.65 6.11 -24.78
N PHE A 115 14.68 5.95 -23.90
CA PHE A 115 14.82 4.91 -22.90
C PHE A 115 14.89 3.51 -23.53
N ASP A 116 14.44 3.36 -24.77
CA ASP A 116 14.52 2.06 -25.43
C ASP A 116 15.95 1.58 -25.34
N GLU A 117 16.86 2.42 -25.86
CA GLU A 117 18.28 2.11 -25.86
C GLU A 117 18.88 1.94 -24.48
N MET A 118 18.42 2.70 -23.50
CA MET A 118 18.94 2.57 -22.14
C MET A 118 18.67 1.17 -21.62
N ALA A 119 17.47 0.67 -21.88
CA ALA A 119 17.06 -0.67 -21.46
C ALA A 119 17.75 -1.78 -22.27
N LYS A 120 17.81 -1.59 -23.57
CA LYS A 120 18.42 -2.59 -24.40
C LYS A 120 19.92 -2.68 -24.32
N TYR A 121 20.60 -1.54 -24.16
CA TYR A 121 22.06 -1.50 -24.13
C TYR A 121 22.73 -1.08 -22.85
N ASP A 122 22.43 0.10 -22.36
CA ASP A 122 23.04 0.59 -21.13
C ASP A 122 22.94 -0.40 -19.96
N LEU A 123 21.72 -0.81 -19.59
CA LEU A 123 21.50 -1.73 -18.47
C LEU A 123 22.21 -3.07 -18.56
N PRO A 124 21.96 -3.83 -19.62
CA PRO A 124 22.63 -5.12 -19.74
C PRO A 124 24.16 -4.98 -19.56
N ALA A 125 24.78 -4.09 -20.33
CA ALA A 125 26.22 -3.85 -20.25
C ALA A 125 26.68 -3.49 -18.82
N THR A 126 26.09 -2.47 -18.22
CA THR A 126 26.46 -2.08 -16.87
C THR A 126 26.30 -3.25 -15.90
N ILE A 127 25.23 -4.02 -16.00
CA ILE A 127 25.05 -5.13 -15.07
C ILE A 127 26.02 -6.29 -15.32
N ASP A 128 26.23 -6.64 -16.59
CA ASP A 128 27.17 -7.69 -16.91
C ASP A 128 28.50 -7.35 -16.24
N PHE A 129 28.94 -6.12 -16.45
CA PHE A 129 30.17 -5.67 -15.86
C PHE A 129 30.13 -5.85 -14.36
N ILE A 130 29.09 -5.35 -13.69
CA ILE A 130 28.99 -5.48 -12.24
C ILE A 130 29.03 -6.94 -11.79
N VAL A 131 28.26 -7.80 -12.46
CA VAL A 131 28.26 -9.20 -12.09
C VAL A 131 29.70 -9.72 -12.15
N LYS A 132 30.28 -9.63 -13.34
CA LYS A 132 31.64 -10.08 -13.55
C LYS A 132 32.68 -9.52 -12.55
N LYS A 133 32.53 -8.26 -12.17
CA LYS A 133 33.46 -7.60 -11.26
C LYS A 133 33.31 -8.05 -9.82
N THR A 134 32.08 -8.25 -9.41
CA THR A 134 31.81 -8.63 -8.03
C THR A 134 31.70 -10.13 -7.85
N GLY A 135 31.54 -10.85 -8.96
CA GLY A 135 31.40 -12.27 -8.86
C GLY A 135 29.99 -12.67 -8.42
N GLN A 136 29.18 -11.71 -7.97
CA GLN A 136 27.79 -11.93 -7.56
C GLN A 136 26.92 -12.33 -8.73
N LYS A 137 26.17 -13.41 -8.59
CA LYS A 137 25.36 -13.89 -9.69
C LYS A 137 24.02 -13.16 -9.79
N GLN A 138 23.62 -12.55 -8.67
CA GLN A 138 22.39 -11.79 -8.62
C GLN A 138 22.55 -10.48 -7.89
N LEU A 139 21.61 -9.56 -8.11
CA LEU A 139 21.63 -8.25 -7.46
C LEU A 139 20.21 -7.72 -7.18
N HIS A 140 20.15 -6.64 -6.42
CA HIS A 140 18.88 -6.00 -6.10
C HIS A 140 18.77 -4.73 -6.92
N TYR A 141 17.66 -4.57 -7.65
CA TYR A 141 17.44 -3.40 -8.50
C TYR A 141 16.46 -2.35 -7.96
N VAL A 142 16.89 -1.11 -7.85
CA VAL A 142 16.00 -0.07 -7.35
C VAL A 142 15.89 1.02 -8.37
N GLY A 143 14.71 1.21 -8.95
CA GLY A 143 14.52 2.26 -9.93
C GLY A 143 13.53 3.35 -9.51
N HIS A 144 13.79 4.57 -9.97
CA HIS A 144 12.91 5.69 -9.70
C HIS A 144 12.46 6.32 -11.00
N SER A 145 11.19 6.71 -11.05
CA SER A 145 10.68 7.36 -12.24
C SER A 145 11.03 6.53 -13.48
N GLN A 146 11.60 7.20 -14.49
CA GLN A 146 11.97 6.55 -15.74
C GLN A 146 12.82 5.30 -15.55
N GLY A 147 13.52 5.28 -14.39
CA GLY A 147 14.39 4.17 -13.99
C GLY A 147 13.59 2.89 -13.89
N THR A 148 12.35 3.00 -13.44
CA THR A 148 11.50 1.82 -13.34
C THR A 148 11.06 1.38 -14.76
N THR A 149 10.80 2.35 -15.63
CA THR A 149 10.35 1.99 -16.94
C THR A 149 11.43 1.32 -17.73
N ILE A 150 12.67 1.66 -17.39
CA ILE A 150 13.80 1.03 -18.07
C ILE A 150 13.76 -0.44 -17.67
N GLY A 151 13.57 -0.65 -16.37
CA GLY A 151 13.47 -2.00 -15.83
C GLY A 151 12.36 -2.83 -16.46
N PHE A 152 11.18 -2.23 -16.58
CA PHE A 152 10.04 -2.89 -17.19
C PHE A 152 10.40 -3.44 -18.53
N ILE A 153 11.00 -2.62 -19.36
CA ILE A 153 11.41 -3.05 -20.71
C ILE A 153 12.48 -4.14 -20.67
N ALA A 154 13.57 -3.84 -19.96
CA ALA A 154 14.68 -4.77 -19.85
C ALA A 154 14.26 -6.11 -19.33
N PHE A 155 13.74 -6.13 -18.12
CA PHE A 155 13.33 -7.36 -17.45
C PHE A 155 12.21 -8.17 -18.13
N SER A 156 11.45 -7.56 -19.02
CA SER A 156 10.39 -8.29 -19.70
C SER A 156 10.78 -8.73 -21.10
N THR A 157 12.01 -8.43 -21.50
CA THR A 157 12.49 -8.76 -22.83
C THR A 157 13.87 -9.39 -22.83
N ASN A 158 14.51 -9.40 -21.68
CA ASN A 158 15.85 -9.94 -21.56
C ASN A 158 15.89 -10.96 -20.43
N PRO A 159 15.42 -12.18 -20.72
CA PRO A 159 15.37 -13.24 -19.71
C PRO A 159 16.66 -13.45 -18.93
N SER A 160 17.76 -13.54 -19.64
CA SER A 160 19.04 -13.77 -19.01
C SER A 160 19.40 -12.67 -18.04
N LEU A 161 18.94 -11.44 -18.33
CA LEU A 161 19.21 -10.29 -17.48
C LEU A 161 18.29 -10.36 -16.27
N ALA A 162 17.01 -10.58 -16.56
CA ALA A 162 15.95 -10.67 -15.55
C ALA A 162 16.31 -11.69 -14.46
N LYS A 163 16.90 -12.80 -14.88
CA LYS A 163 17.26 -13.82 -13.93
C LYS A 163 18.20 -13.30 -12.83
N ARG A 164 18.96 -12.26 -13.14
CA ARG A 164 19.92 -11.72 -12.17
C ARG A 164 19.33 -10.81 -11.10
N ILE A 165 18.09 -10.37 -11.32
CA ILE A 165 17.42 -9.47 -10.39
C ILE A 165 16.56 -10.28 -9.47
N LYS A 166 16.84 -10.22 -8.19
CA LYS A 166 16.01 -11.00 -7.28
C LYS A 166 14.81 -10.20 -6.79
N THR A 167 14.95 -8.89 -6.68
CA THR A 167 13.82 -8.05 -6.33
C THR A 167 13.99 -6.71 -7.04
N PHE A 168 12.88 -6.23 -7.62
CA PHE A 168 12.81 -4.97 -8.35
C PHE A 168 11.99 -4.01 -7.45
N TYR A 169 12.66 -3.00 -6.93
CA TYR A 169 12.00 -1.99 -6.09
C TYR A 169 11.75 -0.81 -7.01
N ALA A 170 10.47 -0.50 -7.19
CA ALA A 170 10.05 0.57 -8.07
C ALA A 170 9.49 1.77 -7.32
N LEU A 171 10.13 2.93 -7.42
CA LEU A 171 9.63 4.14 -6.77
C LEU A 171 9.08 5.06 -7.87
N ALA A 172 7.80 5.42 -7.75
CA ALA A 172 7.12 6.27 -8.72
C ALA A 172 7.19 5.64 -10.10
N PRO A 173 6.66 4.39 -10.23
CA PRO A 173 6.66 3.66 -11.49
C PRO A 173 6.03 4.40 -12.67
N VAL A 174 6.46 4.05 -13.88
CA VAL A 174 5.91 4.70 -15.06
C VAL A 174 5.97 3.81 -16.28
N ALA A 175 4.84 3.23 -16.63
CA ALA A 175 4.76 2.37 -17.80
C ALA A 175 3.99 3.17 -18.82
N THR A 176 2.90 3.77 -18.38
CA THR A 176 2.08 4.62 -19.26
C THR A 176 2.02 6.00 -18.68
N VAL A 177 1.58 6.93 -19.48
CA VAL A 177 1.55 8.29 -19.01
C VAL A 177 0.35 9.00 -19.64
N LYS A 178 -0.79 8.31 -19.63
CA LYS A 178 -1.97 8.91 -20.22
C LYS A 178 -2.92 9.66 -19.33
N TYR A 179 -2.65 9.79 -18.04
CA TYR A 179 -3.54 10.55 -17.17
C TYR A 179 -2.75 11.47 -16.28
N THR A 180 -1.64 11.98 -16.80
CA THR A 180 -0.76 12.82 -15.99
C THR A 180 -1.23 14.25 -15.82
N LYS A 181 -0.85 14.87 -14.71
CA LYS A 181 -1.19 16.23 -14.42
C LYS A 181 0.08 17.06 -14.62
N SER A 182 1.04 16.51 -15.36
CA SER A 182 2.33 17.20 -15.59
C SER A 182 2.36 18.04 -16.83
N LEU A 183 3.13 19.12 -16.78
CA LEU A 183 3.26 20.01 -17.94
C LEU A 183 3.77 19.24 -19.16
N ILE A 184 4.15 17.99 -18.96
CA ILE A 184 4.62 17.22 -20.08
C ILE A 184 3.51 17.02 -21.10
N ASN A 185 2.25 17.28 -20.71
CA ASN A 185 1.10 17.13 -21.61
C ASN A 185 1.09 18.17 -22.69
N LYS A 186 1.57 19.36 -22.35
CA LYS A 186 1.62 20.44 -23.30
C LYS A 186 2.35 20.07 -24.57
N LEU A 187 3.24 19.09 -24.48
CA LEU A 187 4.01 18.66 -25.63
C LEU A 187 3.19 17.90 -26.64
N ARG A 188 2.06 17.37 -26.20
CA ARG A 188 1.16 16.59 -27.08
C ARG A 188 0.64 17.52 -28.19
N PHE A 189 0.68 18.81 -27.90
CA PHE A 189 0.25 19.86 -28.80
C PHE A 189 1.34 20.12 -29.83
N VAL A 190 2.40 19.31 -29.83
CA VAL A 190 3.51 19.53 -30.76
C VAL A 190 3.92 18.36 -31.67
N PRO A 191 4.00 18.67 -32.97
CA PRO A 191 4.38 17.71 -34.00
C PRO A 191 5.90 17.73 -34.20
N GLN A 192 6.47 16.61 -34.61
CA GLN A 192 7.91 16.48 -34.84
C GLN A 192 8.52 17.73 -35.49
N SER A 193 7.93 18.12 -36.60
CA SER A 193 8.35 19.29 -37.37
C SER A 193 8.65 20.43 -36.37
N LEU A 194 7.66 20.76 -35.55
CA LEU A 194 7.77 21.84 -34.58
C LEU A 194 8.69 21.55 -33.40
N PHE A 195 8.67 20.28 -32.96
CA PHE A 195 9.47 19.82 -31.84
C PHE A 195 10.93 20.11 -32.11
N LYS A 196 11.39 19.75 -33.32
CA LYS A 196 12.77 19.98 -33.71
C LYS A 196 13.07 21.46 -33.89
N PHE A 197 12.09 22.22 -34.37
CA PHE A 197 12.31 23.64 -34.54
C PHE A 197 12.44 24.32 -33.17
N ILE A 198 11.72 23.80 -32.18
CA ILE A 198 11.75 24.39 -30.85
C ILE A 198 12.92 23.90 -29.99
N PHE A 199 13.14 22.58 -29.98
CA PHE A 199 14.20 21.97 -29.17
C PHE A 199 15.39 21.38 -29.93
N GLY A 200 15.26 21.26 -31.25
CA GLY A 200 16.33 20.68 -32.06
C GLY A 200 16.58 19.22 -31.76
N ASP A 201 17.75 18.67 -32.11
CA ASP A 201 18.04 17.29 -31.79
C ASP A 201 18.95 17.48 -30.58
N LYS A 202 19.80 16.52 -30.29
CA LYS A 202 20.73 16.65 -29.13
C LYS A 202 20.19 16.84 -27.70
N ILE A 203 20.83 17.66 -26.91
CA ILE A 203 20.35 17.82 -25.54
C ILE A 203 19.03 18.59 -25.42
N PHE A 204 18.20 18.16 -24.48
CA PHE A 204 16.92 18.80 -24.26
C PHE A 204 16.93 19.94 -23.24
N TYR A 205 16.53 21.11 -23.70
CA TYR A 205 16.46 22.26 -22.83
C TYR A 205 15.01 22.76 -22.92
N PRO A 206 14.46 23.29 -21.80
CA PRO A 206 13.07 23.77 -21.82
C PRO A 206 12.83 24.91 -22.74
N HIS A 207 13.87 25.72 -22.97
CA HIS A 207 13.71 26.90 -23.81
C HIS A 207 12.53 27.70 -23.18
N ASN A 208 11.66 28.29 -23.99
CA ASN A 208 10.58 29.02 -23.34
C ASN A 208 9.24 28.35 -23.43
N PHE A 209 9.25 27.20 -24.09
CA PHE A 209 8.03 26.50 -24.34
C PHE A 209 7.06 26.48 -23.18
N PHE A 210 7.57 26.35 -21.96
CA PHE A 210 6.69 26.30 -20.81
C PHE A 210 6.30 27.58 -20.06
N ASP A 211 6.90 28.74 -20.36
CA ASP A 211 6.57 29.99 -19.64
C ASP A 211 5.11 30.41 -19.76
N GLN A 212 4.53 30.10 -20.90
CA GLN A 212 3.17 30.43 -21.19
C GLN A 212 2.13 29.66 -20.36
N PHE A 213 2.54 28.72 -19.51
CA PHE A 213 1.57 27.93 -18.74
C PHE A 213 1.40 28.32 -17.30
N LEU A 214 0.12 28.32 -16.92
CA LEU A 214 -0.35 28.69 -15.56
C LEU A 214 0.55 28.21 -14.44
N ALA A 215 0.73 26.87 -14.39
CA ALA A 215 1.56 26.21 -13.38
C ALA A 215 2.93 26.88 -13.30
N THR A 216 3.38 27.45 -14.42
CA THR A 216 4.67 28.13 -14.49
C THR A 216 4.59 29.51 -13.90
N GLU A 217 3.45 30.18 -14.06
CA GLU A 217 3.28 31.50 -13.45
C GLU A 217 3.17 31.36 -11.93
N VAL A 218 2.43 30.34 -11.49
CA VAL A 218 2.21 30.03 -10.08
C VAL A 218 3.56 29.70 -9.40
N CYS A 219 4.40 28.93 -10.08
CA CYS A 219 5.70 28.57 -9.56
C CYS A 219 6.52 29.83 -9.37
N SER A 220 6.62 30.62 -10.44
CA SER A 220 7.40 31.85 -10.43
C SER A 220 7.01 32.73 -9.24
N ARG A 221 5.71 32.74 -8.96
CA ARG A 221 5.12 33.51 -7.85
C ARG A 221 5.61 33.04 -6.47
N GLU A 222 5.73 31.71 -6.31
CA GLU A 222 6.14 31.06 -5.04
C GLU A 222 7.65 30.77 -4.87
N MET A 223 8.24 29.96 -5.75
CA MET A 223 9.66 29.61 -5.64
C MET A 223 10.61 30.39 -6.55
N LEU A 224 11.89 30.06 -6.47
CA LEU A 224 12.95 30.70 -7.27
C LEU A 224 12.71 30.47 -8.75
N ASN A 225 13.11 31.46 -9.56
CA ASN A 225 12.94 31.34 -11.01
C ASN A 225 13.81 30.21 -11.50
N LEU A 226 14.94 30.01 -10.82
CA LEU A 226 15.88 28.95 -11.16
C LEU A 226 15.15 27.61 -11.21
N LEU A 227 14.28 27.41 -10.24
CA LEU A 227 13.51 26.19 -10.12
C LEU A 227 12.54 26.03 -11.26
N CYS A 228 11.76 27.08 -11.52
CA CYS A 228 10.69 27.09 -12.55
C CYS A 228 11.17 26.93 -13.96
N SER A 229 12.44 27.22 -14.20
CA SER A 229 12.99 27.10 -15.54
C SER A 229 13.92 25.92 -15.64
N ASN A 230 13.76 24.92 -14.78
CA ASN A 230 14.57 23.70 -14.77
C ASN A 230 13.69 22.54 -15.23
N ALA A 231 14.03 21.94 -16.36
CA ALA A 231 13.23 20.84 -16.89
C ALA A 231 12.84 19.74 -15.90
N LEU A 232 13.73 19.43 -14.92
CA LEU A 232 13.42 18.38 -13.96
C LEU A 232 12.14 18.72 -13.25
N PHE A 233 12.07 19.94 -12.70
CA PHE A 233 10.86 20.36 -11.97
C PHE A 233 9.65 20.69 -12.84
N ILE A 234 9.90 21.30 -13.98
CA ILE A 234 8.84 21.64 -14.92
C ILE A 234 8.07 20.36 -15.29
N ILE A 235 8.78 19.26 -15.51
CA ILE A 235 8.15 17.99 -15.90
C ILE A 235 7.77 17.10 -14.72
N CYS A 236 8.44 17.24 -13.60
CA CYS A 236 8.15 16.37 -12.48
C CYS A 236 7.55 17.03 -11.25
N GLY A 237 7.30 18.32 -11.36
CA GLY A 237 6.66 19.01 -10.24
C GLY A 237 7.52 20.02 -9.54
N PHE A 238 6.98 21.20 -9.31
CA PHE A 238 7.80 22.23 -8.67
C PHE A 238 7.77 22.14 -7.14
N ASP A 239 6.80 21.41 -6.62
CA ASP A 239 6.64 21.31 -5.18
C ASP A 239 7.85 20.85 -4.39
N SER A 240 8.31 21.71 -3.50
CA SER A 240 9.46 21.37 -2.68
C SER A 240 9.19 21.46 -1.19
N LYS A 241 7.94 21.28 -0.78
CA LYS A 241 7.52 21.32 0.64
C LYS A 241 8.29 20.32 1.51
N ASN A 242 8.32 19.05 1.10
CA ASN A 242 9.04 18.02 1.84
C ASN A 242 10.54 18.01 1.66
N PHE A 243 11.08 18.99 0.94
CA PHE A 243 12.52 19.02 0.70
C PHE A 243 13.24 19.83 1.77
N ASN A 244 14.55 19.61 1.87
CA ASN A 244 15.36 20.41 2.77
C ASN A 244 15.74 21.56 1.82
N THR A 245 14.96 22.63 1.88
CA THR A 245 15.14 23.76 0.97
C THR A 245 16.49 24.41 0.98
N SER A 246 17.34 24.02 1.91
CA SER A 246 18.68 24.58 1.99
C SER A 246 19.59 23.89 0.96
N ARG A 247 19.12 22.76 0.44
CA ARG A 247 19.89 22.02 -0.54
C ARG A 247 19.38 22.15 -1.98
N LEU A 248 18.44 23.07 -2.22
CA LEU A 248 17.91 23.23 -3.56
C LEU A 248 19.01 23.51 -4.55
N ASP A 249 19.90 24.43 -4.21
CA ASP A 249 20.97 24.79 -5.11
C ASP A 249 21.80 23.58 -5.53
N VAL A 250 21.77 22.54 -4.72
CA VAL A 250 22.51 21.32 -5.06
C VAL A 250 21.79 20.48 -6.10
N TYR A 251 20.47 20.44 -5.97
CA TYR A 251 19.67 19.68 -6.90
C TYR A 251 19.71 20.38 -8.26
N LEU A 252 19.58 21.70 -8.24
CA LEU A 252 19.57 22.50 -9.44
C LEU A 252 20.88 22.41 -10.22
N SER A 253 22.00 22.43 -9.50
CA SER A 253 23.30 22.33 -10.17
C SER A 253 23.61 20.93 -10.68
N HIS A 254 22.79 19.95 -10.35
CA HIS A 254 23.10 18.61 -10.78
C HIS A 254 22.10 17.93 -11.70
N ASN A 255 20.93 18.53 -11.83
CA ASN A 255 19.86 18.00 -12.68
C ASN A 255 19.38 19.09 -13.65
N PRO A 256 19.05 18.70 -14.88
CA PRO A 256 19.16 17.31 -15.28
C PRO A 256 20.59 16.99 -15.67
N ALA A 257 21.03 15.75 -15.51
CA ALA A 257 22.39 15.35 -15.87
C ALA A 257 22.65 15.29 -17.39
N GLY A 258 21.59 15.06 -18.17
CA GLY A 258 21.74 14.97 -19.62
C GLY A 258 20.66 14.14 -20.29
N THR A 259 19.64 14.81 -20.81
CA THR A 259 18.54 14.12 -21.47
C THR A 259 18.50 14.51 -22.92
N SER A 260 18.13 13.58 -23.77
CA SER A 260 18.07 13.87 -25.21
C SER A 260 16.70 14.38 -25.71
N VAL A 261 16.71 15.22 -26.74
CA VAL A 261 15.44 15.70 -27.26
C VAL A 261 14.64 14.48 -27.74
N GLN A 262 15.32 13.52 -28.35
CA GLN A 262 14.61 12.34 -28.82
C GLN A 262 13.88 11.62 -27.69
N ASN A 263 14.49 11.54 -26.51
CA ASN A 263 13.86 10.86 -25.37
C ASN A 263 12.57 11.55 -24.97
N MET A 264 12.62 12.88 -24.88
CA MET A 264 11.44 13.66 -24.56
C MET A 264 10.37 13.49 -25.63
N PHE A 265 10.76 13.31 -26.87
CA PHE A 265 9.78 13.12 -27.91
C PHE A 265 9.11 11.74 -27.79
N HIS A 266 9.87 10.77 -27.32
CA HIS A 266 9.34 9.43 -27.12
C HIS A 266 8.28 9.55 -26.04
N TRP A 267 8.57 10.29 -25.00
CA TRP A 267 7.60 10.47 -23.94
C TRP A 267 6.38 11.27 -24.42
N THR A 268 6.56 12.24 -25.30
CA THR A 268 5.35 12.96 -25.71
C THR A 268 4.51 12.04 -26.61
N GLN A 269 5.17 11.10 -27.28
CA GLN A 269 4.45 10.14 -28.12
C GLN A 269 3.56 9.28 -27.22
N ALA A 270 4.09 8.97 -26.04
CA ALA A 270 3.40 8.17 -25.02
C ALA A 270 2.24 8.96 -24.46
N VAL A 271 2.47 10.23 -24.15
CA VAL A 271 1.41 11.10 -23.64
C VAL A 271 0.27 11.13 -24.67
N LYS A 272 0.62 11.12 -25.95
CA LYS A 272 -0.36 11.20 -27.01
C LYS A 272 -1.14 9.93 -27.22
N SER A 273 -0.49 8.80 -27.05
CA SER A 273 -1.15 7.51 -27.28
C SER A 273 -1.68 6.85 -26.06
N GLY A 274 -1.11 7.18 -24.91
CA GLY A 274 -1.56 6.55 -23.69
C GLY A 274 -1.11 5.12 -23.54
N LYS A 275 -0.32 4.64 -24.50
CA LYS A 275 0.17 3.27 -24.46
C LYS A 275 1.58 3.19 -23.88
N PHE A 276 2.13 1.98 -23.88
CA PHE A 276 3.50 1.73 -23.41
C PHE A 276 4.18 1.05 -24.60
N GLN A 277 4.85 1.82 -25.45
CA GLN A 277 5.52 1.18 -26.57
C GLN A 277 6.84 1.84 -26.97
N ALA A 278 7.62 1.16 -27.83
CA ALA A 278 8.91 1.63 -28.30
C ALA A 278 8.77 2.95 -29.05
N TYR A 279 9.91 3.52 -29.38
CA TYR A 279 9.94 4.79 -30.07
C TYR A 279 9.51 4.66 -31.53
N ASP A 280 8.78 5.66 -32.03
CA ASP A 280 8.37 5.65 -33.42
C ASP A 280 9.43 6.48 -34.16
N TRP A 281 10.24 5.79 -34.94
CA TRP A 281 11.29 6.48 -35.64
C TRP A 281 10.85 7.37 -36.79
N GLY A 282 9.56 7.49 -37.02
CA GLY A 282 9.14 8.37 -38.08
C GLY A 282 8.53 7.77 -39.33
N SER A 283 8.69 6.48 -39.56
CA SER A 283 8.10 5.92 -40.76
C SER A 283 8.30 4.44 -40.76
N PRO A 284 7.47 3.74 -41.54
CA PRO A 284 7.59 2.28 -41.60
C PRO A 284 9.01 1.82 -41.90
N VAL A 285 9.66 2.46 -42.86
CA VAL A 285 11.03 2.10 -43.24
C VAL A 285 12.02 2.26 -42.08
N GLN A 286 11.91 3.39 -41.38
CA GLN A 286 12.79 3.65 -40.26
C GLN A 286 12.52 2.71 -39.12
N ASN A 287 11.26 2.38 -38.87
CA ASN A 287 10.94 1.47 -37.79
C ASN A 287 11.44 0.07 -38.05
N ARG A 288 11.47 -0.35 -39.31
CA ARG A 288 11.93 -1.69 -39.67
C ARG A 288 13.40 -1.79 -39.39
N MET A 289 14.11 -0.76 -39.82
CA MET A 289 15.55 -0.66 -39.61
C MET A 289 15.94 -0.69 -38.12
N HIS A 290 14.94 -0.77 -37.24
CA HIS A 290 15.14 -0.79 -35.78
C HIS A 290 14.44 -1.93 -35.05
N TYR A 291 13.23 -2.26 -35.47
CA TYR A 291 12.43 -3.29 -34.82
C TYR A 291 12.10 -4.50 -35.69
N ASP A 292 12.53 -4.45 -36.95
CA ASP A 292 12.15 -5.45 -38.00
C ASP A 292 10.61 -5.43 -38.23
N GLN A 293 9.89 -4.38 -37.84
CA GLN A 293 8.45 -4.34 -38.07
C GLN A 293 8.31 -2.95 -38.62
N SER A 294 7.08 -2.53 -38.91
CA SER A 294 6.86 -1.20 -39.44
C SER A 294 6.21 -0.37 -38.38
N GLN A 295 5.81 -1.04 -37.30
CA GLN A 295 5.18 -0.37 -36.16
C GLN A 295 5.97 -0.63 -34.89
N PRO A 296 6.23 0.41 -34.11
CA PRO A 296 6.97 0.22 -32.87
C PRO A 296 6.28 -0.87 -32.04
N PRO A 297 7.05 -1.86 -31.57
CA PRO A 297 6.41 -2.91 -30.76
C PRO A 297 5.92 -2.35 -29.41
N TYR A 298 5.03 -3.09 -28.76
CA TYR A 298 4.52 -2.67 -27.46
C TYR A 298 5.25 -3.41 -26.36
N TYR A 299 5.26 -2.79 -25.18
CA TYR A 299 5.93 -3.38 -24.05
C TYR A 299 4.93 -4.08 -23.14
N ASN A 300 5.08 -5.39 -23.05
CA ASN A 300 4.23 -6.26 -22.25
C ASN A 300 4.62 -6.20 -20.77
N VAL A 301 4.00 -5.31 -20.00
CA VAL A 301 4.38 -5.21 -18.60
C VAL A 301 4.09 -6.50 -17.81
N THR A 302 3.18 -7.30 -18.32
CA THR A 302 2.80 -8.54 -17.62
C THR A 302 3.79 -9.66 -17.91
N ALA A 303 4.77 -9.37 -18.75
CA ALA A 303 5.81 -10.34 -19.10
C ALA A 303 7.02 -10.13 -18.20
N MET A 304 6.91 -9.15 -17.32
CA MET A 304 7.97 -8.80 -16.40
C MET A 304 7.69 -9.54 -15.09
N ASN A 305 8.39 -10.65 -14.91
CA ASN A 305 8.19 -11.50 -13.74
C ASN A 305 9.00 -11.23 -12.52
N VAL A 306 10.02 -10.40 -12.63
CA VAL A 306 10.81 -10.16 -11.44
C VAL A 306 9.92 -9.72 -10.28
N PRO A 307 10.09 -10.31 -9.09
CA PRO A 307 9.28 -9.92 -7.93
C PRO A 307 9.44 -8.41 -7.77
N ILE A 308 8.34 -7.67 -7.74
CA ILE A 308 8.45 -6.22 -7.62
C ILE A 308 7.69 -5.61 -6.46
N ALA A 309 8.26 -4.55 -5.90
CA ALA A 309 7.62 -3.84 -4.79
C ALA A 309 7.43 -2.42 -5.31
N VAL A 310 6.25 -1.85 -5.12
CA VAL A 310 5.98 -0.51 -5.63
C VAL A 310 5.60 0.50 -4.57
N TRP A 311 6.13 1.70 -4.68
CA TRP A 311 5.83 2.82 -3.80
C TRP A 311 5.47 3.98 -4.74
N ASN A 312 4.24 4.49 -4.65
CA ASN A 312 3.84 5.61 -5.50
C ASN A 312 3.29 6.79 -4.71
N GLY A 313 3.32 7.97 -5.29
CA GLY A 313 2.83 9.12 -4.57
C GLY A 313 1.42 9.51 -4.92
N GLY A 314 0.75 10.07 -3.92
CA GLY A 314 -0.61 10.52 -4.04
C GLY A 314 -0.67 11.84 -4.77
N LYS A 315 0.36 12.67 -4.57
CA LYS A 315 0.45 13.98 -5.22
C LYS A 315 1.48 13.99 -6.37
N ASP A 316 1.75 12.81 -6.93
CA ASP A 316 2.67 12.68 -8.04
C ASP A 316 1.95 13.05 -9.34
N LEU A 317 2.33 14.17 -9.94
CA LEU A 317 1.75 14.63 -11.20
C LEU A 317 2.16 13.80 -12.42
N LEU A 318 3.36 13.21 -12.41
CA LEU A 318 3.85 12.44 -13.56
C LEU A 318 3.44 10.98 -13.46
N ALA A 319 3.83 10.36 -12.35
CA ALA A 319 3.48 8.96 -12.09
C ALA A 319 2.17 9.05 -11.30
N ASP A 320 1.16 9.61 -11.96
CA ASP A 320 -0.17 9.79 -11.39
C ASP A 320 -0.82 8.48 -10.92
N PRO A 321 -1.58 8.54 -9.83
CA PRO A 321 -2.26 7.38 -9.27
C PRO A 321 -3.08 6.61 -10.27
N GLN A 322 -3.71 7.33 -11.20
CA GLN A 322 -4.55 6.62 -12.14
C GLN A 322 -3.78 5.66 -13.03
N ASP A 323 -2.68 6.16 -13.58
CA ASP A 323 -1.83 5.34 -14.43
C ASP A 323 -1.28 4.17 -13.61
N VAL A 324 -0.71 4.48 -12.43
CA VAL A 324 -0.18 3.45 -11.54
C VAL A 324 -1.28 2.44 -11.28
N GLY A 325 -2.49 2.96 -11.15
CA GLY A 325 -3.65 2.15 -10.92
C GLY A 325 -3.81 1.08 -11.98
N LEU A 326 -3.66 1.46 -13.24
CA LEU A 326 -3.78 0.50 -14.33
C LEU A 326 -2.61 -0.48 -14.38
N LEU A 327 -1.46 -0.03 -13.87
CA LEU A 327 -0.26 -0.86 -13.93
C LEU A 327 -0.28 -2.03 -12.98
N LEU A 328 -0.44 -1.71 -11.68
CA LEU A 328 -0.41 -2.73 -10.62
C LEU A 328 -1.07 -4.09 -10.94
N PRO A 329 -2.32 -4.06 -11.42
CA PRO A 329 -3.06 -5.28 -11.78
C PRO A 329 -2.35 -6.12 -12.80
N LYS A 330 -1.67 -5.47 -13.75
CA LYS A 330 -0.96 -6.15 -14.84
C LYS A 330 0.30 -6.87 -14.41
N LEU A 331 0.81 -6.53 -13.23
CA LEU A 331 2.06 -7.10 -12.72
C LEU A 331 1.99 -8.48 -12.14
N PRO A 332 2.49 -9.45 -12.89
CA PRO A 332 2.45 -10.82 -12.36
C PRO A 332 3.51 -10.84 -11.30
N ASN A 333 3.18 -11.20 -10.07
CA ASN A 333 4.22 -11.25 -9.05
C ASN A 333 4.56 -9.93 -8.33
N LEU A 334 3.52 -9.15 -8.04
CA LEU A 334 3.69 -7.91 -7.29
C LEU A 334 3.71 -8.28 -5.80
N ILE A 335 4.88 -8.23 -5.17
CA ILE A 335 4.98 -8.62 -3.77
C ILE A 335 4.68 -7.58 -2.71
N TYR A 336 4.51 -6.32 -3.09
CA TYR A 336 4.20 -5.26 -2.12
C TYR A 336 3.77 -3.98 -2.79
N HIS A 337 2.98 -3.18 -2.09
CA HIS A 337 2.53 -1.91 -2.65
C HIS A 337 2.12 -0.93 -1.57
N LYS A 338 2.62 0.29 -1.65
CA LYS A 338 2.27 1.30 -0.70
C LYS A 338 2.15 2.63 -1.43
N GLU A 339 1.09 3.39 -1.13
CA GLU A 339 0.91 4.70 -1.74
C GLU A 339 1.02 5.83 -0.69
N ILE A 340 2.09 6.60 -0.75
CA ILE A 340 2.28 7.69 0.21
C ILE A 340 1.46 8.86 -0.34
N PRO A 341 0.31 9.17 0.30
CA PRO A 341 -0.60 10.25 -0.11
C PRO A 341 0.00 11.64 -0.34
N PHE A 342 0.83 12.12 0.56
CA PHE A 342 1.42 13.45 0.41
C PHE A 342 2.71 13.57 -0.42
N TYR A 343 3.12 12.46 -1.02
CA TYR A 343 4.34 12.41 -1.82
C TYR A 343 4.07 12.67 -3.30
N ASN A 344 4.95 13.45 -3.91
CA ASN A 344 4.87 13.73 -5.35
C ASN A 344 6.05 12.98 -6.03
N HIS A 345 6.25 13.17 -7.33
CA HIS A 345 7.32 12.45 -8.01
C HIS A 345 8.74 12.52 -7.43
N LEU A 346 9.20 13.72 -7.13
CA LEU A 346 10.54 13.85 -6.60
C LEU A 346 10.69 13.67 -5.09
N ASP A 347 9.60 13.51 -4.37
CA ASP A 347 9.70 13.30 -2.93
C ASP A 347 10.48 11.99 -2.64
N PHE A 348 10.30 10.99 -3.51
CA PHE A 348 10.94 9.68 -3.37
C PHE A 348 12.43 9.67 -3.29
N ILE A 349 13.01 10.79 -3.70
CA ILE A 349 14.46 10.97 -3.72
C ILE A 349 14.96 12.10 -2.84
N TRP A 350 14.12 13.10 -2.67
CA TRP A 350 14.56 14.23 -1.90
C TRP A 350 13.75 14.59 -0.66
N ALA A 351 12.66 13.86 -0.36
CA ALA A 351 11.83 14.18 0.81
C ALA A 351 12.59 13.89 2.10
N MET A 352 12.50 14.78 3.08
CA MET A 352 13.24 14.57 4.33
C MET A 352 12.86 13.32 5.11
N ASP A 353 11.63 12.83 4.92
CA ASP A 353 11.18 11.63 5.63
C ASP A 353 11.17 10.44 4.70
N ALA A 354 11.90 10.52 3.60
CA ALA A 354 11.96 9.42 2.65
C ALA A 354 12.47 8.13 3.31
N PRO A 355 13.36 8.25 4.33
CA PRO A 355 13.85 7.04 4.98
C PRO A 355 12.72 6.33 5.70
N GLN A 356 11.99 7.08 6.53
CA GLN A 356 10.86 6.54 7.30
C GLN A 356 9.69 6.10 6.40
N GLU A 357 9.50 6.76 5.27
CA GLU A 357 8.42 6.40 4.36
C GLU A 357 8.76 5.32 3.31
N VAL A 358 9.99 5.32 2.79
CA VAL A 358 10.38 4.34 1.78
C VAL A 358 11.68 3.56 2.02
N TYR A 359 12.79 4.29 2.16
CA TYR A 359 14.09 3.63 2.31
C TYR A 359 14.19 2.51 3.34
N ASN A 360 13.79 2.79 4.58
CA ASN A 360 13.86 1.77 5.62
C ASN A 360 13.17 0.47 5.23
N ASP A 361 11.96 0.55 4.67
CA ASP A 361 11.30 -0.68 4.26
C ASP A 361 12.08 -1.41 3.18
N ILE A 362 12.81 -0.67 2.34
CA ILE A 362 13.61 -1.32 1.30
C ILE A 362 14.77 -2.07 1.94
N VAL A 363 15.47 -1.42 2.86
CA VAL A 363 16.60 -2.05 3.52
C VAL A 363 16.17 -3.37 4.14
N SER A 364 15.02 -3.36 4.84
CA SER A 364 14.48 -4.56 5.49
C SER A 364 14.14 -5.58 4.47
N MET A 365 13.33 -5.17 3.51
CA MET A 365 12.90 -6.06 2.46
C MET A 365 14.08 -6.77 1.81
N ILE A 366 15.21 -6.06 1.66
CA ILE A 366 16.38 -6.66 1.01
C ILE A 366 17.07 -7.60 1.95
N SER A 367 17.19 -7.20 3.22
CA SER A 367 17.88 -8.05 4.20
C SER A 367 17.14 -9.32 4.55
N GLU A 368 16.26 -9.76 3.68
CA GLU A 368 15.47 -10.97 3.90
C GLU A 368 15.40 -11.80 2.64
N ASP A 369 16.27 -11.48 1.69
CA ASP A 369 16.34 -12.19 0.41
C ASP A 369 17.78 -12.65 0.19
N LYS A 370 18.63 -11.71 -0.23
CA LYS A 370 20.05 -11.94 -0.52
C LYS A 370 20.93 -11.84 0.75
N LYS A 371 20.76 -10.77 1.53
CA LYS A 371 21.55 -10.69 2.76
C LYS A 371 20.83 -11.36 3.95
N SER B 1 -24.52 -19.01 -6.90
CA SER B 1 -23.37 -19.74 -6.27
C SER B 1 -23.79 -20.66 -5.15
N PRO B 2 -23.24 -21.87 -5.13
CA PRO B 2 -23.57 -22.88 -4.12
C PRO B 2 -23.30 -22.49 -2.67
N GLU B 3 -22.43 -21.53 -2.45
CA GLU B 3 -22.12 -21.15 -1.09
C GLU B 3 -23.15 -20.24 -0.44
N VAL B 4 -24.07 -19.70 -1.25
CA VAL B 4 -25.09 -18.82 -0.73
C VAL B 4 -25.90 -19.50 0.36
N THR B 5 -26.10 -20.80 0.23
CA THR B 5 -26.87 -21.52 1.26
C THR B 5 -26.06 -22.39 2.18
N MET B 6 -24.72 -22.26 2.13
CA MET B 6 -23.83 -23.05 2.98
C MET B 6 -23.50 -22.34 4.30
N ASN B 7 -23.33 -23.11 5.36
CA ASN B 7 -22.95 -22.52 6.64
C ASN B 7 -21.43 -22.36 6.64
N ILE B 8 -20.90 -21.79 7.72
CA ILE B 8 -19.47 -21.54 7.77
C ILE B 8 -18.63 -22.79 7.46
N SER B 9 -18.98 -23.92 8.08
CA SER B 9 -18.29 -25.20 7.90
C SER B 9 -18.28 -25.67 6.48
N GLN B 10 -19.46 -25.72 5.88
CA GLN B 10 -19.58 -26.18 4.50
C GLN B 10 -18.83 -25.31 3.53
N MET B 11 -18.83 -24.01 3.78
CA MET B 11 -18.14 -23.07 2.93
C MET B 11 -16.65 -23.40 2.99
N ILE B 12 -16.14 -23.62 4.19
CA ILE B 12 -14.73 -23.97 4.32
C ILE B 12 -14.35 -25.31 3.63
N THR B 13 -15.11 -26.37 3.91
CA THR B 13 -14.81 -27.68 3.34
C THR B 13 -15.08 -27.70 1.85
N TYR B 14 -15.92 -26.79 1.39
CA TYR B 14 -16.21 -26.70 -0.02
C TYR B 14 -14.96 -26.48 -0.85
N TRP B 15 -13.99 -25.76 -0.30
CA TRP B 15 -12.74 -25.48 -0.99
C TRP B 15 -11.61 -26.47 -0.68
N GLY B 16 -11.96 -27.56 0.02
CA GLY B 16 -11.01 -28.59 0.36
C GLY B 16 -10.11 -28.31 1.55
N TYR B 17 -10.57 -27.46 2.47
CA TYR B 17 -9.77 -27.18 3.63
C TYR B 17 -10.36 -27.91 4.81
N PRO B 18 -9.53 -28.14 5.82
CA PRO B 18 -9.98 -28.83 7.03
C PRO B 18 -10.82 -27.87 7.88
N ASN B 19 -11.77 -28.42 8.60
CA ASN B 19 -12.62 -27.58 9.44
C ASN B 19 -12.87 -28.24 10.78
N GLU B 20 -12.87 -27.45 11.83
CA GLU B 20 -13.15 -27.97 13.16
C GLU B 20 -14.00 -26.96 13.91
N GLU B 21 -14.98 -27.46 14.66
CA GLU B 21 -15.87 -26.57 15.42
C GLU B 21 -15.64 -26.85 16.88
N TYR B 22 -15.57 -25.78 17.66
CA TYR B 22 -15.39 -25.93 19.09
C TYR B 22 -16.39 -25.08 19.82
N GLU B 23 -16.74 -25.51 21.02
CA GLU B 23 -17.70 -24.77 21.82
C GLU B 23 -16.99 -24.02 22.94
N VAL B 24 -17.13 -22.71 22.96
CA VAL B 24 -16.52 -21.90 24.01
C VAL B 24 -17.65 -21.40 24.87
N VAL B 25 -17.43 -21.41 26.18
CA VAL B 25 -18.44 -20.91 27.13
C VAL B 25 -17.90 -19.73 27.94
N THR B 26 -18.50 -18.55 27.71
CA THR B 26 -18.05 -17.35 28.38
C THR B 26 -18.38 -17.39 29.87
N GLU B 27 -17.64 -16.59 30.63
CA GLU B 27 -17.81 -16.53 32.06
C GLU B 27 -19.28 -16.25 32.41
N ASP B 28 -19.92 -15.36 31.67
CA ASP B 28 -21.30 -15.04 31.96
C ASP B 28 -22.37 -15.92 31.29
N GLY B 29 -21.93 -17.09 30.82
CA GLY B 29 -22.83 -18.08 30.24
C GLY B 29 -23.07 -18.25 28.75
N TYR B 30 -22.56 -17.38 27.91
CA TYR B 30 -22.80 -17.53 26.47
C TYR B 30 -22.01 -18.68 25.88
N ILE B 31 -22.62 -19.37 24.94
CA ILE B 31 -21.98 -20.51 24.30
C ILE B 31 -21.69 -20.16 22.86
N LEU B 32 -20.41 -20.05 22.53
CA LEU B 32 -20.00 -19.69 21.18
C LEU B 32 -19.36 -20.82 20.39
N GLU B 33 -19.84 -21.05 19.18
CA GLU B 33 -19.28 -22.09 18.32
C GLU B 33 -18.24 -21.45 17.44
N VAL B 34 -16.97 -21.73 17.72
CA VAL B 34 -15.86 -21.16 16.97
C VAL B 34 -15.31 -22.14 15.96
N ASN B 35 -14.99 -21.66 14.76
CA ASN B 35 -14.46 -22.54 13.73
C ASN B 35 -12.94 -22.44 13.59
N ARG B 36 -12.31 -23.56 13.26
CA ARG B 36 -10.86 -23.59 13.12
C ARG B 36 -10.43 -24.22 11.79
N ILE B 37 -9.44 -23.61 11.15
CA ILE B 37 -8.91 -24.17 9.91
C ILE B 37 -7.48 -24.49 10.30
N PRO B 38 -7.21 -25.73 10.76
CA PRO B 38 -5.92 -26.26 11.20
C PRO B 38 -4.76 -26.28 10.22
N TYR B 39 -5.03 -26.32 8.91
CA TYR B 39 -3.95 -26.28 7.89
C TYR B 39 -4.47 -26.01 6.48
N GLY B 40 -3.53 -25.78 5.54
CA GLY B 40 -3.84 -25.46 4.14
C GLY B 40 -4.51 -26.61 3.40
N LYS B 41 -5.10 -26.40 2.21
CA LYS B 41 -5.81 -27.53 1.54
C LYS B 41 -4.84 -28.38 0.79
N LYS B 42 -3.57 -28.13 1.07
CA LYS B 42 -2.50 -28.92 0.48
C LYS B 42 -1.34 -28.03 0.88
N ASN B 43 -1.50 -26.69 0.49
CA ASN B 43 -0.39 -25.74 0.78
C ASN B 43 -0.03 -25.82 2.32
N SER B 44 1.20 -26.29 2.67
CA SER B 44 1.46 -26.44 4.17
C SER B 44 0.24 -27.38 4.65
N GLY B 45 0.13 -28.58 4.00
CA GLY B 45 -0.88 -29.57 4.41
C GLY B 45 -0.38 -30.28 5.69
N GLN B 49 1.76 -27.14 17.60
CA GLN B 49 2.82 -27.05 16.57
C GLN B 49 2.83 -25.78 15.64
N ARG B 50 1.81 -25.59 14.78
CA ARG B 50 1.77 -24.43 13.88
C ARG B 50 1.30 -23.21 14.64
N PRO B 51 1.84 -22.02 14.31
CA PRO B 51 1.48 -20.75 14.96
C PRO B 51 0.01 -20.36 14.74
N VAL B 52 -0.61 -19.89 15.82
CA VAL B 52 -2.01 -19.51 15.83
C VAL B 52 -2.29 -18.06 15.43
N VAL B 53 -3.27 -17.91 14.54
CA VAL B 53 -3.71 -16.60 14.07
C VAL B 53 -5.23 -16.55 14.22
N PHE B 54 -5.71 -15.61 15.04
CA PHE B 54 -7.13 -15.42 15.33
C PHE B 54 -7.71 -14.25 14.51
N LEU B 55 -8.85 -14.46 13.85
CA LEU B 55 -9.49 -13.40 13.06
C LEU B 55 -10.85 -12.93 13.64
N GLN B 56 -10.99 -11.62 13.88
CA GLN B 56 -12.25 -11.08 14.42
C GLN B 56 -12.96 -10.24 13.41
N HIS B 57 -14.19 -10.59 13.04
CA HIS B 57 -14.91 -9.75 12.07
C HIS B 57 -15.32 -8.41 12.69
N GLY B 58 -15.94 -7.54 11.89
CA GLY B 58 -16.33 -6.25 12.41
C GLY B 58 -17.83 -6.07 12.59
N LEU B 59 -18.22 -4.81 12.75
CA LEU B 59 -19.60 -4.36 12.94
C LEU B 59 -20.57 -4.88 11.91
N LEU B 60 -21.69 -5.39 12.39
CA LEU B 60 -22.71 -5.98 11.52
C LEU B 60 -22.16 -7.00 10.53
N ALA B 61 -21.03 -7.63 10.85
CA ALA B 61 -20.45 -8.65 9.96
C ALA B 61 -20.63 -10.14 10.39
N SER B 62 -19.75 -10.97 9.89
CA SER B 62 -19.82 -12.38 10.17
C SER B 62 -18.43 -13.01 10.15
N ALA B 63 -18.27 -14.09 10.89
CA ALA B 63 -17.00 -14.77 10.92
C ALA B 63 -16.70 -15.34 9.52
N THR B 64 -17.73 -15.43 8.68
CA THR B 64 -17.52 -15.97 7.34
C THR B 64 -16.83 -14.97 6.42
N ASN B 65 -16.63 -13.73 6.88
CA ASN B 65 -15.99 -12.71 6.09
C ASN B 65 -14.61 -13.17 5.59
N TRP B 66 -13.86 -13.76 6.51
CA TRP B 66 -12.51 -14.26 6.25
C TRP B 66 -12.47 -15.52 5.39
N ILE B 67 -13.63 -15.95 4.95
CA ILE B 67 -13.72 -17.17 4.21
C ILE B 67 -14.63 -17.07 2.99
N SER B 68 -15.21 -15.90 2.78
CA SER B 68 -16.20 -15.71 1.74
C SER B 68 -15.87 -15.65 0.28
N ASN B 69 -14.59 -15.69 -0.06
CA ASN B 69 -14.26 -15.65 -1.49
C ASN B 69 -13.53 -16.88 -2.04
N LEU B 70 -12.54 -16.67 -2.89
CA LEU B 70 -11.76 -17.78 -3.44
C LEU B 70 -10.64 -18.06 -2.47
N PRO B 71 -10.07 -19.26 -2.52
CA PRO B 71 -8.97 -19.50 -1.56
C PRO B 71 -7.72 -18.65 -1.82
N ASN B 72 -7.63 -18.05 -3.00
CA ASN B 72 -6.48 -17.21 -3.32
C ASN B 72 -6.64 -15.76 -2.90
N ASN B 73 -7.79 -15.41 -2.32
CA ASN B 73 -8.04 -14.01 -1.93
C ASN B 73 -8.87 -13.86 -0.63
N SER B 74 -8.84 -14.87 0.22
CA SER B 74 -9.58 -14.81 1.48
C SER B 74 -8.53 -14.97 2.57
N LEU B 75 -8.34 -13.95 3.39
CA LEU B 75 -7.29 -14.02 4.40
C LEU B 75 -7.10 -15.40 5.05
N ALA B 76 -8.17 -15.91 5.66
CA ALA B 76 -8.15 -17.21 6.34
C ALA B 76 -7.56 -18.34 5.51
N PHE B 77 -8.01 -18.48 4.27
CA PHE B 77 -7.47 -19.55 3.42
C PHE B 77 -5.99 -19.31 3.14
N ILE B 78 -5.63 -18.09 2.73
CA ILE B 78 -4.24 -17.85 2.40
C ILE B 78 -3.38 -18.05 3.64
N LEU B 79 -3.86 -17.63 4.81
CA LEU B 79 -3.11 -17.82 6.06
C LEU B 79 -2.90 -19.30 6.38
N ALA B 80 -3.88 -20.12 6.02
CA ALA B 80 -3.80 -21.57 6.23
C ALA B 80 -2.72 -22.16 5.32
N ASP B 81 -2.78 -21.77 4.04
CA ASP B 81 -1.80 -22.25 3.06
C ASP B 81 -0.40 -21.77 3.32
N ALA B 82 -0.28 -20.67 4.09
CA ALA B 82 1.01 -20.08 4.50
C ALA B 82 1.61 -20.78 5.72
N GLY B 83 0.87 -21.77 6.26
CA GLY B 83 1.37 -22.57 7.35
C GLY B 83 0.87 -22.28 8.75
N TYR B 84 -0.24 -21.56 8.85
CA TYR B 84 -0.70 -21.25 10.19
C TYR B 84 -1.96 -21.98 10.56
N ASP B 85 -2.28 -21.88 11.84
CA ASP B 85 -3.47 -22.48 12.44
C ASP B 85 -4.47 -21.32 12.62
N VAL B 86 -5.46 -21.28 11.73
CA VAL B 86 -6.45 -20.20 11.70
C VAL B 86 -7.72 -20.44 12.50
N TRP B 87 -7.99 -19.51 13.41
CA TRP B 87 -9.18 -19.56 14.22
C TRP B 87 -10.07 -18.36 13.91
N LEU B 88 -11.33 -18.60 13.58
CA LEU B 88 -12.31 -17.53 13.28
C LEU B 88 -13.22 -17.25 14.50
N GLY B 89 -13.03 -16.09 15.12
CA GLY B 89 -13.82 -15.74 16.28
C GLY B 89 -15.29 -15.55 15.98
N ASN B 90 -16.14 -15.95 16.92
CA ASN B 90 -17.59 -15.80 16.76
C ASN B 90 -18.06 -15.00 17.98
N SER B 91 -18.89 -13.96 17.77
CA SER B 91 -19.35 -13.14 18.89
C SER B 91 -20.75 -13.47 19.42
N ARG B 92 -21.02 -13.12 20.67
CA ARG B 92 -22.35 -13.42 21.16
C ARG B 92 -23.44 -12.79 20.28
N GLY B 93 -24.41 -13.59 19.89
CA GLY B 93 -25.48 -13.04 19.12
C GLY B 93 -25.52 -13.43 17.68
N ASN B 94 -24.35 -13.57 17.09
CA ASN B 94 -24.38 -13.94 15.71
C ASN B 94 -24.54 -15.46 15.54
N THR B 95 -24.86 -15.87 14.33
CA THR B 95 -25.07 -17.26 14.05
C THR B 95 -24.12 -18.24 14.71
N TRP B 96 -24.70 -19.27 15.33
CA TRP B 96 -23.97 -20.32 16.05
C TRP B 96 -23.37 -19.85 17.34
N ALA B 97 -23.85 -18.69 17.78
CA ALA B 97 -23.44 -18.11 19.06
C ALA B 97 -24.70 -17.50 19.68
N ARG B 98 -25.83 -18.19 19.52
CA ARG B 98 -27.06 -17.67 20.06
C ARG B 98 -27.61 -18.57 21.14
N ARG B 99 -26.78 -18.94 22.11
CA ARG B 99 -27.25 -19.78 23.21
C ARG B 99 -26.56 -19.38 24.48
N ASN B 100 -27.25 -19.58 25.59
CA ASN B 100 -26.69 -19.21 26.87
C ASN B 100 -27.23 -20.16 27.94
N LEU B 101 -26.38 -20.51 28.90
CA LEU B 101 -26.78 -21.40 29.98
C LEU B 101 -27.99 -20.94 30.81
N TYR B 102 -28.25 -19.63 30.87
CA TYR B 102 -29.32 -19.11 31.72
C TYR B 102 -30.53 -18.41 31.11
N TYR B 103 -30.49 -18.12 29.81
CA TYR B 103 -31.62 -17.48 29.14
C TYR B 103 -31.66 -17.83 27.68
N SER B 104 -32.84 -17.70 27.09
CA SER B 104 -33.04 -18.05 25.70
C SER B 104 -32.75 -16.93 24.72
N PRO B 105 -32.52 -17.26 23.42
CA PRO B 105 -32.24 -16.23 22.41
C PRO B 105 -33.53 -15.42 22.21
N ASP B 106 -34.66 -15.94 22.66
CA ASP B 106 -35.93 -15.26 22.50
C ASP B 106 -36.22 -14.27 23.60
N SER B 107 -35.29 -14.15 24.54
CA SER B 107 -35.43 -13.23 25.66
C SER B 107 -34.71 -11.93 25.44
N VAL B 108 -35.10 -10.95 26.22
CA VAL B 108 -34.51 -9.64 26.13
C VAL B 108 -33.12 -9.67 26.73
N GLU B 109 -33.01 -10.41 27.82
CA GLU B 109 -31.75 -10.50 28.54
C GLU B 109 -30.61 -11.01 27.68
N PHE B 110 -30.92 -11.94 26.80
CA PHE B 110 -29.89 -12.48 25.93
C PHE B 110 -29.15 -11.42 25.11
N TRP B 111 -29.90 -10.49 24.55
CA TRP B 111 -29.36 -9.45 23.70
C TRP B 111 -28.90 -8.21 24.44
N ALA B 112 -28.96 -8.23 25.76
CA ALA B 112 -28.53 -7.06 26.52
C ALA B 112 -26.99 -6.94 26.55
N PHE B 113 -26.38 -6.79 25.38
CA PHE B 113 -24.94 -6.66 25.30
C PHE B 113 -24.49 -5.77 24.15
N SER B 114 -23.22 -5.38 24.21
CA SER B 114 -22.56 -4.53 23.22
C SER B 114 -21.13 -5.06 23.08
N PHE B 115 -20.29 -4.31 22.39
CA PHE B 115 -18.94 -4.79 22.24
C PHE B 115 -18.22 -4.85 23.58
N ASP B 116 -18.73 -4.14 24.59
CA ASP B 116 -18.11 -4.19 25.92
C ASP B 116 -17.97 -5.64 26.36
N GLU B 117 -19.10 -6.34 26.35
CA GLU B 117 -19.17 -7.75 26.74
C GLU B 117 -18.34 -8.65 25.84
N MET B 118 -18.29 -8.35 24.55
CA MET B 118 -17.49 -9.13 23.61
C MET B 118 -16.00 -9.12 24.03
N ALA B 119 -15.50 -7.93 24.38
CA ALA B 119 -14.10 -7.77 24.81
C ALA B 119 -13.87 -8.35 26.19
N LYS B 120 -14.79 -8.09 27.09
CA LYS B 120 -14.65 -8.59 28.45
C LYS B 120 -14.85 -10.08 28.62
N TYR B 121 -15.78 -10.67 27.86
CA TYR B 121 -16.08 -12.10 28.00
C TYR B 121 -15.78 -13.02 26.83
N ASP B 122 -16.36 -12.74 25.67
CA ASP B 122 -16.16 -13.55 24.50
C ASP B 122 -14.66 -13.79 24.16
N LEU B 123 -13.89 -12.71 24.00
CA LEU B 123 -12.46 -12.84 23.65
C LEU B 123 -11.61 -13.64 24.64
N PRO B 124 -11.57 -13.20 25.90
CA PRO B 124 -10.78 -13.94 26.87
C PRO B 124 -11.09 -15.44 26.82
N ALA B 125 -12.37 -15.79 26.98
CA ALA B 125 -12.81 -17.19 26.92
C ALA B 125 -12.33 -17.94 25.64
N THR B 126 -12.65 -17.39 24.47
CA THR B 126 -12.25 -17.99 23.22
C THR B 126 -10.74 -18.18 23.16
N ILE B 127 -9.95 -17.19 23.58
CA ILE B 127 -8.49 -17.35 23.51
C ILE B 127 -7.92 -18.31 24.54
N ASP B 128 -8.42 -18.27 25.78
CA ASP B 128 -7.96 -19.21 26.79
C ASP B 128 -8.16 -20.61 26.20
N PHE B 129 -9.34 -20.84 25.64
CA PHE B 129 -9.63 -22.12 25.04
C PHE B 129 -8.58 -22.45 24.01
N ILE B 130 -8.36 -21.55 23.06
CA ILE B 130 -7.38 -21.77 21.99
C ILE B 130 -5.96 -22.05 22.51
N VAL B 131 -5.52 -21.27 23.49
CA VAL B 131 -4.19 -21.48 24.05
C VAL B 131 -4.11 -22.89 24.62
N LYS B 132 -5.00 -23.20 25.56
CA LYS B 132 -5.03 -24.50 26.16
C LYS B 132 -5.11 -25.67 25.16
N LYS B 133 -5.89 -25.53 24.09
CA LYS B 133 -6.07 -26.57 23.10
C LYS B 133 -4.86 -26.75 22.22
N THR B 134 -4.21 -25.65 21.88
CA THR B 134 -3.05 -25.71 21.01
C THR B 134 -1.74 -25.80 21.77
N GLY B 135 -1.77 -25.44 23.05
CA GLY B 135 -0.56 -25.44 23.84
C GLY B 135 0.28 -24.20 23.53
N GLN B 136 -0.09 -23.46 22.50
CA GLN B 136 0.62 -22.24 22.14
C GLN B 136 0.43 -21.19 23.21
N LYS B 137 1.52 -20.57 23.64
CA LYS B 137 1.48 -19.56 24.71
C LYS B 137 1.10 -18.19 24.17
N GLN B 138 1.35 -17.98 22.88
CA GLN B 138 1.01 -16.72 22.24
C GLN B 138 0.39 -16.89 20.87
N LEU B 139 -0.28 -15.85 20.38
CA LEU B 139 -0.90 -15.90 19.06
C LEU B 139 -0.87 -14.55 18.35
N HIS B 140 -1.27 -14.56 17.08
CA HIS B 140 -1.34 -13.35 16.27
C HIS B 140 -2.80 -12.97 16.14
N TYR B 141 -3.12 -11.72 16.46
CA TYR B 141 -4.51 -11.22 16.41
C TYR B 141 -4.79 -10.30 15.23
N VAL B 142 -5.79 -10.62 14.44
CA VAL B 142 -6.15 -9.78 13.30
C VAL B 142 -7.59 -9.36 13.43
N GLY B 143 -7.82 -8.05 13.58
CA GLY B 143 -9.18 -7.56 13.71
C GLY B 143 -9.59 -6.59 12.61
N HIS B 144 -10.87 -6.61 12.24
CA HIS B 144 -11.42 -5.72 11.24
C HIS B 144 -12.58 -4.95 11.85
N SER B 145 -12.66 -3.67 11.49
CA SER B 145 -13.74 -2.84 11.98
C SER B 145 -13.88 -2.99 13.49
N GLN B 146 -15.11 -3.29 13.91
CA GLN B 146 -15.41 -3.44 15.31
C GLN B 146 -14.48 -4.43 16.01
N GLY B 147 -13.97 -5.39 15.22
CA GLY B 147 -13.04 -6.40 15.71
C GLY B 147 -11.84 -5.73 16.35
N THR B 148 -11.38 -4.63 15.76
CA THR B 148 -10.23 -3.92 16.31
C THR B 148 -10.58 -3.19 17.61
N THR B 149 -11.81 -2.68 17.68
CA THR B 149 -12.20 -1.97 18.86
C THR B 149 -12.37 -2.93 20.02
N ILE B 150 -12.71 -4.18 19.70
CA ILE B 150 -12.84 -5.18 20.76
C ILE B 150 -11.42 -5.35 21.34
N GLY B 151 -10.46 -5.50 20.42
CA GLY B 151 -9.06 -5.63 20.79
C GLY B 151 -8.59 -4.46 21.65
N PHE B 152 -8.88 -3.23 21.22
CA PHE B 152 -8.47 -2.05 21.99
C PHE B 152 -8.89 -2.16 23.44
N ILE B 153 -10.17 -2.47 23.66
CA ILE B 153 -10.69 -2.62 25.01
C ILE B 153 -10.05 -3.78 25.76
N ALA B 154 -10.11 -4.97 25.16
CA ALA B 154 -9.53 -6.18 25.75
C ALA B 154 -8.05 -6.02 26.17
N PHE B 155 -7.22 -5.75 25.17
CA PHE B 155 -5.77 -5.60 25.33
C PHE B 155 -5.31 -4.43 26.24
N SER B 156 -6.17 -3.46 26.49
CA SER B 156 -5.77 -2.35 27.32
C SER B 156 -6.33 -2.46 28.72
N THR B 157 -7.02 -3.55 29.00
CA THR B 157 -7.63 -3.74 30.32
C THR B 157 -7.46 -5.15 30.85
N ASN B 158 -6.91 -6.03 30.03
CA ASN B 158 -6.70 -7.40 30.43
C ASN B 158 -5.22 -7.78 30.21
N PRO B 159 -4.33 -7.33 31.11
CA PRO B 159 -2.91 -7.61 30.97
C PRO B 159 -2.56 -9.04 30.61
N SER B 160 -3.08 -9.99 31.38
CA SER B 160 -2.78 -11.41 31.15
C SER B 160 -3.19 -11.86 29.77
N LEU B 161 -4.22 -11.23 29.22
CA LEU B 161 -4.69 -11.57 27.87
C LEU B 161 -3.72 -10.92 26.86
N ALA B 162 -3.44 -9.64 27.09
CA ALA B 162 -2.58 -8.88 26.20
C ALA B 162 -1.25 -9.54 26.01
N LYS B 163 -0.75 -10.11 27.10
CA LYS B 163 0.53 -10.77 27.01
C LYS B 163 0.56 -11.88 25.95
N ARG B 164 -0.60 -12.46 25.64
CA ARG B 164 -0.64 -13.54 24.68
C ARG B 164 -0.60 -13.13 23.23
N ILE B 165 -0.84 -11.85 22.97
CA ILE B 165 -0.84 -11.34 21.60
C ILE B 165 0.51 -10.76 21.28
N LYS B 166 1.19 -11.32 20.26
CA LYS B 166 2.50 -10.79 19.91
C LYS B 166 2.39 -9.66 18.90
N THR B 167 1.37 -9.71 18.08
CA THR B 167 1.16 -8.61 17.15
C THR B 167 -0.35 -8.46 16.93
N PHE B 168 -0.81 -7.21 16.92
CA PHE B 168 -2.23 -6.86 16.72
C PHE B 168 -2.32 -6.20 15.32
N TYR B 169 -2.94 -6.89 14.36
CA TYR B 169 -3.07 -6.33 13.02
C TYR B 169 -4.46 -5.74 12.96
N ALA B 170 -4.53 -4.44 12.73
CA ALA B 170 -5.82 -3.78 12.68
C ALA B 170 -6.21 -3.29 11.30
N LEU B 171 -7.33 -3.77 10.78
CA LEU B 171 -7.84 -3.33 9.46
C LEU B 171 -9.07 -2.47 9.69
N ALA B 172 -9.01 -1.23 9.21
CA ALA B 172 -10.10 -0.25 9.37
C ALA B 172 -10.44 -0.11 10.86
N PRO B 173 -9.45 0.33 11.66
CA PRO B 173 -9.60 0.53 13.12
C PRO B 173 -10.73 1.47 13.52
N VAL B 174 -11.26 1.27 14.71
CA VAL B 174 -12.34 2.14 15.22
C VAL B 174 -12.35 2.28 16.72
N ALA B 175 -11.85 3.38 17.24
CA ALA B 175 -11.88 3.61 18.67
C ALA B 175 -12.96 4.67 18.87
N THR B 176 -12.97 5.71 18.03
CA THR B 176 -13.99 6.77 18.11
C THR B 176 -14.70 6.83 16.78
N VAL B 177 -15.82 7.54 16.76
CA VAL B 177 -16.59 7.55 15.56
C VAL B 177 -17.27 8.90 15.46
N LYS B 178 -16.49 9.95 15.74
CA LYS B 178 -17.04 11.28 15.72
C LYS B 178 -16.94 12.06 14.45
N TYR B 179 -16.33 11.51 13.40
CA TYR B 179 -16.22 12.24 12.14
C TYR B 179 -16.62 11.37 10.97
N THR B 180 -17.55 10.46 11.18
CA THR B 180 -17.92 9.54 10.10
C THR B 180 -18.85 10.10 9.07
N LYS B 181 -18.79 9.56 7.87
CA LYS B 181 -19.65 9.98 6.79
C LYS B 181 -20.66 8.83 6.59
N SER B 182 -20.79 7.99 7.63
CA SER B 182 -21.69 6.85 7.58
C SER B 182 -23.10 7.16 8.00
N LEU B 183 -24.10 6.52 7.39
CA LEU B 183 -25.51 6.71 7.74
C LEU B 183 -25.71 6.43 9.24
N ILE B 184 -24.70 5.88 9.89
CA ILE B 184 -24.82 5.61 11.30
C ILE B 184 -25.07 6.93 12.07
N ASN B 185 -24.79 8.06 11.45
CA ASN B 185 -24.95 9.37 12.10
C ASN B 185 -26.41 9.70 12.33
N LYS B 186 -27.24 9.26 11.39
CA LYS B 186 -28.66 9.51 11.48
C LYS B 186 -29.26 9.04 12.80
N LEU B 187 -28.61 8.07 13.43
CA LEU B 187 -29.14 7.54 14.68
C LEU B 187 -28.96 8.52 15.83
N ARG B 188 -28.01 9.45 15.67
CA ARG B 188 -27.74 10.44 16.72
C ARG B 188 -29.02 11.26 16.96
N PHE B 189 -29.88 11.27 15.93
CA PHE B 189 -31.15 11.98 15.95
C PHE B 189 -32.16 11.21 16.77
N VAL B 190 -31.74 10.08 17.34
CA VAL B 190 -32.66 9.24 18.08
C VAL B 190 -32.38 8.92 19.56
N PRO B 191 -33.38 9.18 20.42
CA PRO B 191 -33.29 8.93 21.87
C PRO B 191 -33.75 7.51 22.17
N GLN B 192 -33.23 6.94 23.25
CA GLN B 192 -33.56 5.58 23.64
C GLN B 192 -35.06 5.26 23.52
N SER B 193 -35.88 6.13 24.05
CA SER B 193 -37.32 5.98 24.01
C SER B 193 -37.72 5.58 22.58
N LEU B 194 -37.26 6.38 21.61
CA LEU B 194 -37.59 6.18 20.19
C LEU B 194 -36.84 5.00 19.58
N PHE B 195 -35.59 4.83 19.99
CA PHE B 195 -34.75 3.74 19.50
C PHE B 195 -35.44 2.38 19.71
N LYS B 196 -35.95 2.18 20.91
CA LYS B 196 -36.63 0.95 21.26
C LYS B 196 -37.97 0.82 20.54
N PHE B 197 -38.63 1.94 20.29
CA PHE B 197 -39.91 1.86 19.60
C PHE B 197 -39.69 1.51 18.14
N ILE B 198 -38.54 1.92 17.61
CA ILE B 198 -38.22 1.67 16.20
C ILE B 198 -37.61 0.29 15.96
N PHE B 199 -36.59 -0.07 16.77
CA PHE B 199 -35.86 -1.32 16.63
C PHE B 199 -36.07 -2.37 17.75
N GLY B 200 -36.72 -1.96 18.83
CA GLY B 200 -36.97 -2.84 19.97
C GLY B 200 -35.69 -3.25 20.66
N ASP B 201 -35.69 -4.36 21.41
CA ASP B 201 -34.47 -4.87 22.03
C ASP B 201 -34.10 -6.00 21.08
N LYS B 202 -33.34 -6.96 21.55
CA LYS B 202 -32.98 -8.11 20.68
C LYS B 202 -32.18 -7.88 19.38
N ILE B 203 -32.50 -8.60 18.31
CA ILE B 203 -31.74 -8.45 17.08
C ILE B 203 -31.99 -7.14 16.34
N PHE B 204 -30.94 -6.56 15.76
CA PHE B 204 -31.04 -5.31 15.03
C PHE B 204 -31.32 -5.47 13.55
N TYR B 205 -32.41 -4.85 13.11
CA TYR B 205 -32.82 -4.87 11.73
C TYR B 205 -32.99 -3.40 11.35
N PRO B 206 -32.63 -3.02 10.11
CA PRO B 206 -32.76 -1.62 9.68
C PRO B 206 -34.18 -1.10 9.69
N HIS B 207 -35.14 -1.97 9.46
CA HIS B 207 -36.51 -1.53 9.39
C HIS B 207 -36.51 -0.46 8.30
N ASN B 208 -37.29 0.59 8.41
CA ASN B 208 -37.22 1.56 7.32
C ASN B 208 -36.48 2.84 7.66
N PHE B 209 -35.96 2.88 8.88
CA PHE B 209 -35.29 4.07 9.36
C PHE B 209 -34.40 4.77 8.35
N PHE B 210 -33.74 4.00 7.49
CA PHE B 210 -32.81 4.59 6.53
C PHE B 210 -33.31 4.93 5.11
N ASP B 211 -34.48 4.47 4.70
CA ASP B 211 -35.00 4.75 3.34
C ASP B 211 -35.10 6.24 3.02
N GLN B 212 -35.42 7.02 4.04
CA GLN B 212 -35.58 8.46 3.92
C GLN B 212 -34.28 9.22 3.63
N PHE B 213 -33.15 8.54 3.59
CA PHE B 213 -31.88 9.21 3.36
C PHE B 213 -31.33 9.12 1.94
N LEU B 214 -30.81 10.27 1.49
CA LEU B 214 -30.23 10.46 0.15
C LEU B 214 -29.38 9.31 -0.34
N ALA B 215 -28.34 9.02 0.45
CA ALA B 215 -27.39 7.96 0.19
C ALA B 215 -28.14 6.66 -0.14
N THR B 216 -29.33 6.50 0.45
CA THR B 216 -30.15 5.31 0.24
C THR B 216 -30.87 5.36 -1.08
N GLU B 217 -31.26 6.56 -1.51
CA GLU B 217 -31.92 6.70 -2.80
C GLU B 217 -30.89 6.50 -3.92
N VAL B 218 -29.67 7.00 -3.70
CA VAL B 218 -28.57 6.89 -4.65
C VAL B 218 -28.20 5.42 -4.84
N CYS B 219 -28.21 4.69 -3.73
CA CYS B 219 -27.87 3.27 -3.73
C CYS B 219 -28.92 2.56 -4.54
N SER B 220 -30.18 2.75 -4.17
CA SER B 220 -31.29 2.11 -4.85
C SER B 220 -31.17 2.28 -6.35
N ARG B 221 -30.78 3.49 -6.75
CA ARG B 221 -30.59 3.88 -8.15
C ARG B 221 -29.52 3.05 -8.87
N GLU B 222 -28.41 2.78 -8.17
CA GLU B 222 -27.28 2.04 -8.72
C GLU B 222 -27.25 0.52 -8.51
N MET B 223 -27.24 0.09 -7.25
CA MET B 223 -27.19 -1.35 -6.97
C MET B 223 -28.55 -1.99 -6.63
N LEU B 224 -28.49 -3.29 -6.31
CA LEU B 224 -29.67 -4.09 -5.94
C LEU B 224 -30.32 -3.55 -4.68
N ASN B 225 -31.64 -3.69 -4.63
CA ASN B 225 -32.37 -3.25 -3.47
C ASN B 225 -31.90 -4.06 -2.29
N LEU B 226 -31.60 -5.32 -2.56
CA LEU B 226 -31.13 -6.25 -1.56
C LEU B 226 -29.97 -5.66 -0.77
N LEU B 227 -29.06 -5.03 -1.50
CA LEU B 227 -27.88 -4.42 -0.90
C LEU B 227 -28.19 -3.19 -0.05
N CYS B 228 -29.04 -2.30 -0.57
CA CYS B 228 -29.40 -1.05 0.10
C CYS B 228 -30.22 -1.25 1.35
N SER B 229 -30.85 -2.40 1.49
CA SER B 229 -31.63 -2.65 2.69
C SER B 229 -30.98 -3.63 3.63
N ASN B 230 -29.67 -3.74 3.54
CA ASN B 230 -28.86 -4.62 4.38
C ASN B 230 -28.03 -3.75 5.35
N ALA B 231 -28.28 -3.93 6.64
CA ALA B 231 -27.58 -3.13 7.63
C ALA B 231 -26.06 -3.08 7.48
N LEU B 232 -25.44 -4.18 7.03
CA LEU B 232 -23.97 -4.19 6.87
C LEU B 232 -23.57 -3.05 5.97
N PHE B 233 -24.18 -2.99 4.78
CA PHE B 233 -23.85 -1.95 3.79
C PHE B 233 -24.33 -0.54 4.12
N ILE B 234 -25.56 -0.44 4.65
CA ILE B 234 -26.16 0.80 5.07
C ILE B 234 -25.21 1.52 6.07
N ILE B 235 -24.62 0.77 6.98
CA ILE B 235 -23.77 1.36 7.99
C ILE B 235 -22.30 1.37 7.60
N CYS B 236 -21.90 0.49 6.68
CA CYS B 236 -20.48 0.44 6.31
C CYS B 236 -20.15 0.85 4.88
N GLY B 237 -21.19 1.17 4.11
CA GLY B 237 -20.97 1.62 2.76
C GLY B 237 -21.51 0.69 1.70
N PHE B 238 -22.18 1.26 0.71
CA PHE B 238 -22.79 0.45 -0.34
C PHE B 238 -21.86 0.14 -1.50
N ASP B 239 -20.74 0.87 -1.53
CA ASP B 239 -19.77 0.75 -2.62
C ASP B 239 -19.17 -0.61 -2.80
N SER B 240 -19.46 -1.21 -3.95
CA SER B 240 -18.95 -2.54 -4.26
C SER B 240 -18.06 -2.60 -5.52
N LYS B 241 -17.43 -1.47 -5.86
CA LYS B 241 -16.58 -1.39 -7.05
C LYS B 241 -15.45 -2.40 -7.03
N ASN B 242 -14.69 -2.45 -5.94
CA ASN B 242 -13.60 -3.41 -5.83
C ASN B 242 -14.00 -4.86 -5.48
N PHE B 243 -15.30 -5.13 -5.43
CA PHE B 243 -15.80 -6.46 -5.09
C PHE B 243 -15.99 -7.32 -6.32
N ASN B 244 -15.95 -8.64 -6.13
CA ASN B 244 -16.22 -9.55 -7.22
C ASN B 244 -17.75 -9.58 -7.15
N THR B 245 -18.40 -8.71 -7.92
CA THR B 245 -19.85 -8.61 -7.87
C THR B 245 -20.64 -9.90 -8.14
N SER B 246 -19.95 -10.99 -8.49
CA SER B 246 -20.61 -12.27 -8.74
C SER B 246 -20.87 -12.97 -7.43
N ARG B 247 -20.20 -12.51 -6.38
CA ARG B 247 -20.39 -13.12 -5.09
C ARG B 247 -21.19 -12.26 -4.10
N LEU B 248 -21.86 -11.21 -4.57
CA LEU B 248 -22.63 -10.37 -3.66
C LEU B 248 -23.68 -11.20 -2.96
N ASP B 249 -24.34 -12.06 -3.69
CA ASP B 249 -25.37 -12.86 -3.07
C ASP B 249 -24.84 -13.69 -1.92
N VAL B 250 -23.54 -13.94 -1.91
CA VAL B 250 -22.98 -14.71 -0.80
C VAL B 250 -22.78 -13.85 0.44
N TYR B 251 -22.41 -12.59 0.22
CA TYR B 251 -22.17 -11.68 1.32
C TYR B 251 -23.54 -11.36 1.94
N LEU B 252 -24.52 -11.11 1.08
CA LEU B 252 -25.85 -10.79 1.54
C LEU B 252 -26.49 -11.91 2.38
N SER B 253 -26.33 -13.13 1.93
CA SER B 253 -26.90 -14.23 2.65
C SER B 253 -26.15 -14.54 3.95
N HIS B 254 -25.00 -13.93 4.19
CA HIS B 254 -24.27 -14.27 5.43
C HIS B 254 -24.05 -13.13 6.40
N ASN B 255 -24.40 -11.92 5.99
CA ASN B 255 -24.27 -10.75 6.83
C ASN B 255 -25.57 -9.93 6.92
N PRO B 256 -25.88 -9.39 8.09
CA PRO B 256 -25.04 -9.53 9.29
C PRO B 256 -25.34 -10.87 9.91
N ALA B 257 -24.40 -11.40 10.67
CA ALA B 257 -24.57 -12.71 11.29
C ALA B 257 -25.44 -12.65 12.52
N GLY B 258 -25.50 -11.47 13.17
CA GLY B 258 -26.30 -11.34 14.37
C GLY B 258 -25.81 -10.20 15.26
N THR B 259 -26.45 -9.04 15.13
CA THR B 259 -26.09 -7.86 15.89
C THR B 259 -27.24 -7.47 16.79
N SER B 260 -26.94 -7.03 18.01
CA SER B 260 -27.99 -6.63 18.94
C SER B 260 -28.38 -5.16 18.85
N VAL B 261 -29.63 -4.85 19.20
CA VAL B 261 -30.06 -3.48 19.16
C VAL B 261 -29.22 -2.70 20.18
N GLN B 262 -28.93 -3.32 21.32
CA GLN B 262 -28.14 -2.62 22.33
C GLN B 262 -26.77 -2.19 21.78
N ASN B 263 -26.16 -3.06 20.99
CA ASN B 263 -24.84 -2.77 20.42
C ASN B 263 -24.89 -1.55 19.52
N MET B 264 -25.88 -1.51 18.65
CA MET B 264 -26.04 -0.37 17.77
C MET B 264 -26.32 0.89 18.59
N PHE B 265 -27.03 0.75 19.71
CA PHE B 265 -27.28 1.92 20.52
C PHE B 265 -25.98 2.42 21.20
N HIS B 266 -25.12 1.49 21.59
CA HIS B 266 -23.84 1.86 22.17
C HIS B 266 -23.10 2.70 21.11
N TRP B 267 -23.12 2.26 19.84
CA TRP B 267 -22.44 2.99 18.79
C TRP B 267 -23.10 4.32 18.56
N THR B 268 -24.42 4.42 18.68
CA THR B 268 -24.94 5.76 18.41
C THR B 268 -24.55 6.68 19.57
N GLN B 269 -24.38 6.11 20.76
CA GLN B 269 -23.94 6.88 21.91
C GLN B 269 -22.57 7.46 21.61
N ALA B 270 -21.73 6.67 20.94
CA ALA B 270 -20.38 7.07 20.57
C ALA B 270 -20.45 8.13 19.47
N VAL B 271 -21.34 7.95 18.50
CA VAL B 271 -21.50 8.95 17.44
C VAL B 271 -21.91 10.30 18.08
N LYS B 272 -22.72 10.25 19.13
CA LYS B 272 -23.18 11.46 19.80
C LYS B 272 -22.16 12.17 20.67
N SER B 273 -21.28 11.40 21.27
CA SER B 273 -20.29 11.96 22.17
C SER B 273 -18.94 12.13 21.56
N GLY B 274 -18.65 11.33 20.55
CA GLY B 274 -17.36 11.42 19.91
C GLY B 274 -16.25 10.85 20.78
N LYS B 275 -16.60 10.22 21.88
CA LYS B 275 -15.57 9.64 22.74
C LYS B 275 -15.47 8.13 22.52
N PHE B 276 -14.62 7.50 23.30
CA PHE B 276 -14.47 6.05 23.22
C PHE B 276 -14.72 5.58 24.65
N GLN B 277 -15.96 5.21 24.95
CA GLN B 277 -16.25 4.74 26.32
C GLN B 277 -17.24 3.61 26.37
N ALA B 278 -17.34 2.97 27.55
CA ALA B 278 -18.25 1.85 27.78
C ALA B 278 -19.69 2.27 27.55
N TYR B 279 -20.59 1.29 27.60
CA TYR B 279 -22.02 1.54 27.37
C TYR B 279 -22.71 2.28 28.53
N ASP B 280 -23.62 3.19 28.18
CA ASP B 280 -24.37 3.90 29.21
C ASP B 280 -25.66 3.11 29.44
N TRP B 281 -25.73 2.41 30.57
CA TRP B 281 -26.89 1.60 30.83
C TRP B 281 -28.18 2.33 31.13
N GLY B 282 -28.15 3.65 31.06
CA GLY B 282 -29.39 4.35 31.31
C GLY B 282 -29.51 5.19 32.58
N SER B 283 -28.68 4.94 33.58
CA SER B 283 -28.79 5.71 34.80
C SER B 283 -27.66 5.41 35.75
N PRO B 284 -27.39 6.31 36.69
CA PRO B 284 -26.32 6.10 37.65
C PRO B 284 -26.41 4.74 38.31
N VAL B 285 -27.62 4.38 38.74
CA VAL B 285 -27.82 3.10 39.41
C VAL B 285 -27.47 1.93 38.54
N GLN B 286 -27.91 1.98 37.29
CA GLN B 286 -27.62 0.88 36.39
C GLN B 286 -26.18 0.83 36.01
N ASN B 287 -25.53 1.97 35.85
CA ASN B 287 -24.13 1.94 35.53
C ASN B 287 -23.28 1.39 36.68
N ARG B 288 -23.71 1.60 37.93
CA ARG B 288 -22.95 1.10 39.08
C ARG B 288 -22.98 -0.39 39.10
N MET B 289 -24.19 -0.92 38.85
CA MET B 289 -24.42 -2.36 38.81
C MET B 289 -23.61 -3.03 37.70
N HIS B 290 -22.83 -2.24 36.96
CA HIS B 290 -22.03 -2.76 35.86
C HIS B 290 -20.56 -2.34 35.90
N TYR B 291 -20.31 -1.09 36.27
CA TYR B 291 -18.96 -0.53 36.31
C TYR B 291 -18.46 -0.12 37.70
N ASP B 292 -19.32 -0.31 38.70
CA ASP B 292 -19.07 0.20 40.11
C ASP B 292 -18.88 1.73 40.08
N GLN B 293 -19.35 2.46 39.06
CA GLN B 293 -19.22 3.89 39.03
C GLN B 293 -20.59 4.27 38.56
N SER B 294 -20.86 5.57 38.42
CA SER B 294 -22.17 6.02 37.96
C SER B 294 -22.06 6.50 36.53
N GLN B 295 -20.82 6.59 36.08
CA GLN B 295 -20.54 7.01 34.70
C GLN B 295 -19.74 5.94 33.97
N PRO B 296 -20.16 5.61 32.74
CA PRO B 296 -19.43 4.59 32.00
C PRO B 296 -17.97 4.99 31.91
N PRO B 297 -17.06 4.07 32.24
CA PRO B 297 -15.64 4.37 32.17
C PRO B 297 -15.18 4.60 30.73
N TYR B 298 -14.06 5.31 30.57
CA TYR B 298 -13.53 5.56 29.23
C TYR B 298 -12.45 4.55 28.87
N TYR B 299 -12.22 4.34 27.59
CA TYR B 299 -11.22 3.40 27.18
C TYR B 299 -9.96 4.14 26.78
N ASN B 300 -8.89 3.83 27.50
CA ASN B 300 -7.58 4.43 27.28
C ASN B 300 -6.85 3.71 26.12
N VAL B 301 -6.98 4.21 24.90
CA VAL B 301 -6.33 3.54 23.79
C VAL B 301 -4.78 3.58 23.95
N THR B 302 -4.27 4.51 24.74
CA THR B 302 -2.82 4.60 24.92
C THR B 302 -2.33 3.60 25.96
N ALA B 303 -3.24 2.87 26.58
CA ALA B 303 -2.83 1.86 27.57
C ALA B 303 -2.77 0.49 26.87
N MET B 304 -3.00 0.51 25.55
CA MET B 304 -2.97 -0.68 24.75
C MET B 304 -1.55 -0.76 24.17
N ASN B 305 -0.71 -1.62 24.75
CA ASN B 305 0.69 -1.74 24.33
C ASN B 305 1.02 -2.81 23.33
N VAL B 306 0.08 -3.67 23.01
CA VAL B 306 0.44 -4.70 22.06
C VAL B 306 0.95 -4.05 20.77
N PRO B 307 2.06 -4.57 20.21
CA PRO B 307 2.60 -4.00 18.95
C PRO B 307 1.47 -4.06 17.92
N ILE B 308 1.12 -2.93 17.32
CA ILE B 308 0.03 -2.91 16.37
C ILE B 308 0.39 -2.36 14.99
N ALA B 309 -0.20 -2.96 13.96
CA ALA B 309 0.02 -2.54 12.59
C ALA B 309 -1.35 -2.08 12.10
N VAL B 310 -1.43 -0.95 11.43
CA VAL B 310 -2.72 -0.46 11.00
C VAL B 310 -2.81 -0.25 9.51
N TRP B 311 -3.96 -0.63 8.94
CA TRP B 311 -4.29 -0.45 7.52
C TRP B 311 -5.67 0.24 7.52
N ASN B 312 -5.78 1.43 6.96
CA ASN B 312 -7.07 2.12 6.92
C ASN B 312 -7.43 2.61 5.52
N GLY B 313 -8.71 2.83 5.27
CA GLY B 313 -9.09 3.26 3.93
C GLY B 313 -9.32 4.75 3.79
N GLY B 314 -9.02 5.22 2.58
CA GLY B 314 -9.16 6.61 2.23
C GLY B 314 -10.60 6.92 1.95
N LYS B 315 -11.34 5.94 1.44
CA LYS B 315 -12.76 6.11 1.16
C LYS B 315 -13.69 5.39 2.17
N ASP B 316 -13.15 5.14 3.34
CA ASP B 316 -13.85 4.48 4.43
C ASP B 316 -14.75 5.49 5.15
N LEU B 317 -16.07 5.37 4.97
CA LEU B 317 -17.04 6.25 5.62
C LEU B 317 -17.23 6.01 7.12
N LEU B 318 -16.93 4.81 7.61
CA LEU B 318 -17.13 4.48 9.03
C LEU B 318 -15.85 4.74 9.80
N ALA B 319 -14.80 4.05 9.40
CA ALA B 319 -13.49 4.27 10.04
C ALA B 319 -12.82 5.35 9.17
N ASP B 320 -13.43 6.54 9.21
CA ASP B 320 -12.98 7.71 8.48
C ASP B 320 -11.54 8.11 8.84
N PRO B 321 -10.80 8.61 7.84
CA PRO B 321 -9.42 9.03 8.02
C PRO B 321 -9.23 9.97 9.19
N GLN B 322 -10.18 10.88 9.39
CA GLN B 322 -10.04 11.85 10.47
C GLN B 322 -9.95 11.23 11.87
N ASP B 323 -10.86 10.28 12.13
CA ASP B 323 -10.91 9.56 13.39
C ASP B 323 -9.62 8.73 13.51
N VAL B 324 -9.27 8.00 12.45
CA VAL B 324 -8.06 7.17 12.43
C VAL B 324 -6.89 8.08 12.74
N GLY B 325 -6.96 9.28 12.16
CA GLY B 325 -5.96 10.31 12.36
C GLY B 325 -5.73 10.62 13.83
N LEU B 326 -6.80 10.80 14.59
CA LEU B 326 -6.63 11.07 16.01
C LEU B 326 -6.14 9.83 16.78
N LEU B 327 -6.44 8.66 16.24
CA LEU B 327 -6.07 7.42 16.90
C LEU B 327 -4.59 7.12 16.91
N LEU B 328 -4.02 7.02 15.71
CA LEU B 328 -2.61 6.64 15.49
C LEU B 328 -1.61 7.25 16.49
N PRO B 329 -1.64 8.58 16.63
CA PRO B 329 -0.72 9.23 17.56
C PRO B 329 -0.84 8.73 19.02
N LYS B 330 -2.04 8.34 19.45
CA LYS B 330 -2.24 7.87 20.83
C LYS B 330 -1.71 6.46 21.08
N LEU B 331 -1.41 5.74 19.99
CA LEU B 331 -0.94 4.35 20.09
C LEU B 331 0.51 4.15 20.50
N PRO B 332 0.73 3.78 21.75
CA PRO B 332 2.12 3.58 22.15
C PRO B 332 2.56 2.31 21.47
N ASN B 333 3.66 2.31 20.72
CA ASN B 333 4.06 1.06 20.08
C ASN B 333 3.34 0.71 18.75
N LEU B 334 3.12 1.71 17.91
CA LEU B 334 2.53 1.50 16.59
C LEU B 334 3.68 1.07 15.65
N ILE B 335 3.77 -0.20 15.28
CA ILE B 335 4.91 -0.61 14.44
C ILE B 335 4.75 -0.54 12.92
N TYR B 336 3.59 -0.10 12.43
CA TYR B 336 3.38 0.00 10.99
C TYR B 336 2.06 0.69 10.65
N HIS B 337 2.01 1.42 9.54
CA HIS B 337 0.78 2.07 9.13
C HIS B 337 0.76 2.29 7.64
N LYS B 338 -0.36 1.98 7.02
CA LYS B 338 -0.49 2.15 5.59
C LYS B 338 -1.92 2.60 5.27
N GLU B 339 -2.08 3.60 4.42
CA GLU B 339 -3.42 4.04 4.11
C GLU B 339 -3.80 3.82 2.64
N ILE B 340 -4.66 2.87 2.38
CA ILE B 340 -5.05 2.60 1.01
C ILE B 340 -6.13 3.61 0.63
N PRO B 341 -5.76 4.63 -0.19
CA PRO B 341 -6.67 5.68 -0.64
C PRO B 341 -8.02 5.26 -1.22
N PHE B 342 -8.05 4.32 -2.16
CA PHE B 342 -9.31 3.92 -2.79
C PHE B 342 -10.13 2.87 -2.06
N TYR B 343 -9.66 2.50 -0.88
CA TYR B 343 -10.32 1.49 -0.04
C TYR B 343 -11.35 2.08 0.92
N ASN B 344 -12.50 1.41 1.01
CA ASN B 344 -13.56 1.79 1.94
C ASN B 344 -13.61 0.75 3.07
N HIS B 345 -14.57 0.85 3.97
CA HIS B 345 -14.64 -0.08 5.09
C HIS B 345 -14.65 -1.55 4.75
N LEU B 346 -15.49 -1.94 3.82
CA LEU B 346 -15.56 -3.36 3.49
C LEU B 346 -14.55 -3.86 2.44
N ASP B 347 -13.78 -2.97 1.85
CA ASP B 347 -12.80 -3.44 0.87
C ASP B 347 -11.78 -4.39 1.58
N PHE B 348 -11.47 -4.09 2.85
CA PHE B 348 -10.49 -4.85 3.61
C PHE B 348 -10.74 -6.31 3.71
N ILE B 349 -11.97 -6.67 3.40
CA ILE B 349 -12.38 -8.05 3.49
C ILE B 349 -12.84 -8.66 2.20
N TRP B 350 -13.38 -7.80 1.34
CA TRP B 350 -13.93 -8.30 0.10
C TRP B 350 -13.35 -7.76 -1.19
N ALA B 351 -12.38 -6.84 -1.11
CA ALA B 351 -11.77 -6.24 -2.32
C ALA B 351 -10.92 -7.28 -3.07
N MET B 352 -11.06 -7.35 -4.39
CA MET B 352 -10.28 -8.35 -5.14
C MET B 352 -8.78 -8.20 -5.03
N ASP B 353 -8.28 -7.01 -4.72
CA ASP B 353 -6.85 -6.83 -4.60
C ASP B 353 -6.43 -6.75 -3.13
N ALA B 354 -7.27 -7.25 -2.23
CA ALA B 354 -6.96 -7.20 -0.81
C ALA B 354 -5.68 -7.97 -0.46
N PRO B 355 -5.37 -9.03 -1.23
CA PRO B 355 -4.15 -9.76 -0.91
C PRO B 355 -2.92 -8.88 -1.24
N GLN B 356 -2.88 -8.26 -2.42
CA GLN B 356 -1.79 -7.36 -2.84
C GLN B 356 -1.70 -6.10 -1.97
N GLU B 357 -2.86 -5.59 -1.55
CA GLU B 357 -2.90 -4.38 -0.71
C GLU B 357 -2.75 -4.59 0.79
N VAL B 358 -3.27 -5.69 1.32
CA VAL B 358 -3.20 -5.94 2.74
C VAL B 358 -2.67 -7.30 3.16
N TYR B 359 -3.37 -8.34 2.74
CA TYR B 359 -3.03 -9.69 3.17
C TYR B 359 -1.57 -10.09 3.08
N ASN B 360 -0.97 -9.90 1.91
CA ASN B 360 0.41 -10.23 1.70
C ASN B 360 1.31 -9.65 2.78
N ASP B 361 1.14 -8.38 3.04
CA ASP B 361 1.92 -7.66 4.06
C ASP B 361 1.82 -8.34 5.43
N ILE B 362 0.61 -8.82 5.76
CA ILE B 362 0.35 -9.48 7.06
C ILE B 362 1.11 -10.80 7.14
N VAL B 363 0.98 -11.61 6.09
CA VAL B 363 1.64 -12.90 6.01
C VAL B 363 3.13 -12.71 6.30
N SER B 364 3.73 -11.71 5.65
CA SER B 364 5.15 -11.40 5.82
C SER B 364 5.43 -10.99 7.21
N MET B 365 4.73 -9.96 7.62
CA MET B 365 4.91 -9.40 8.92
C MET B 365 4.87 -10.46 10.04
N ILE B 366 3.99 -11.45 9.88
CA ILE B 366 3.80 -12.54 10.86
C ILE B 366 4.98 -13.52 10.80
N SER B 367 5.37 -13.90 9.58
CA SER B 367 6.48 -14.84 9.38
C SER B 367 7.84 -14.29 9.78
N GLU B 368 7.87 -13.29 10.65
CA GLU B 368 9.10 -12.71 11.10
C GLU B 368 9.02 -12.40 12.59
N ASP B 369 8.07 -13.03 13.25
CA ASP B 369 7.88 -12.80 14.68
C ASP B 369 7.80 -14.20 15.31
N LYS B 370 6.62 -14.79 15.13
CA LYS B 370 6.35 -16.13 15.68
C LYS B 370 6.91 -17.32 14.73
N LYS B 371 6.47 -17.33 13.46
CA LYS B 371 6.97 -18.36 12.54
C LYS B 371 8.37 -17.95 12.00
#